data_3BFF
#
_entry.id   3BFF
#
_cell.length_a   187.116
_cell.length_b   73.244
_cell.length_c   103.504
_cell.angle_alpha   90.00
_cell.angle_beta   121.69
_cell.angle_gamma   90.00
#
_symmetry.space_group_name_H-M   'C 1 2 1'
#
loop_
_entity.id
_entity.type
_entity.pdbx_description
1 polymer 'Class A beta-lactamase Sed1'
2 non-polymer 'THIOCYANATE ION'
3 non-polymer '(2R)-2-[(1S,2R)-1-carboxy-2-hydroxypropyl]-5-[(2R)-oxolan-2-yl]-2,3-dihydro-1,3-thiazole-4-carboxylic acid'
4 non-polymer '(5R,6S)-6-(1-hydroxyethyl)-7-oxo-3-[(2R)-oxolan-2-yl]-4-thia-1-azabicyclo[3.2.0]hept-2-ene-2-carboxylic acid'
5 water water
#
_entity_poly.entity_id   1
_entity_poly.type   'polypeptide(L)'
_entity_poly.pdbx_seq_one_letter_code
;VQQVQKKLAALEKQSGGRLGVALINTADNSQVLYRADERFAMCSTSKVMTAAAVLKQSETHDGILQQKMTIKKADLTNWN
PVTEKYVGNTMTLAELSAATLQYSDNTAMNKLLAHLGGPGNVTAFARSIGDTTFRLDRKEPELNTAIPGDERDTTSPLAM
AKSLRKLTLGDALAGPQRAQLVDWLKGNTTGGQSIRAGLPAHWVVGDKTGACDYGTTNDIAVIWPEDRAPLVLVTYFTQP
QQDAKWRKDVLAAAAKIVTEGK
;
_entity_poly.pdbx_strand_id   A,B,C,D
#
# COMPACT_ATOMS: atom_id res chain seq x y z
N VAL A 1 31.72 12.25 39.68
CA VAL A 1 30.54 11.45 40.11
C VAL A 1 29.84 12.10 41.30
N GLN A 2 30.61 12.43 42.35
CA GLN A 2 30.01 13.08 43.50
C GLN A 2 29.68 14.51 43.11
N GLN A 3 30.19 14.91 41.96
CA GLN A 3 29.92 16.24 41.42
C GLN A 3 28.53 16.13 40.80
N VAL A 4 28.23 14.93 40.30
CA VAL A 4 26.93 14.66 39.71
C VAL A 4 25.90 14.71 40.84
N GLN A 5 26.26 14.11 41.96
CA GLN A 5 25.39 14.09 43.13
C GLN A 5 25.14 15.51 43.64
N LYS A 6 26.21 16.31 43.69
CA LYS A 6 26.09 17.69 44.16
C LYS A 6 25.20 18.49 43.22
N LYS A 7 25.34 18.26 41.92
CA LYS A 7 24.52 18.97 40.93
C LYS A 7 23.06 18.59 41.02
N LEU A 8 22.78 17.30 41.25
CA LEU A 8 21.39 16.85 41.37
C LEU A 8 20.79 17.43 42.64
N ALA A 9 21.59 17.43 43.72
CA ALA A 9 21.15 17.95 45.00
C ALA A 9 20.80 19.43 44.88
N ALA A 10 21.63 20.18 44.15
CA ALA A 10 21.40 21.60 43.96
C ALA A 10 20.18 21.82 43.06
N LEU A 11 20.01 20.95 42.06
CA LEU A 11 18.87 21.05 41.16
C LEU A 11 17.57 20.90 41.95
N GLU A 12 17.51 19.89 42.81
CA GLU A 12 16.32 19.65 43.62
C GLU A 12 16.03 20.84 44.54
N LYS A 13 17.06 21.29 45.26
CA LYS A 13 16.91 22.41 46.18
C LYS A 13 16.34 23.63 45.48
N GLN A 14 16.92 23.97 44.33
CA GLN A 14 16.46 25.13 43.57
C GLN A 14 15.06 24.95 42.97
N SER A 15 14.65 23.71 42.75
CA SER A 15 13.33 23.42 42.18
C SER A 15 12.19 23.55 43.18
N GLY A 16 12.51 23.37 44.47
CA GLY A 16 11.49 23.47 45.49
C GLY A 16 10.65 22.21 45.60
N GLY A 17 11.03 21.16 44.87
CA GLY A 17 10.28 19.93 44.91
C GLY A 17 11.14 18.74 45.33
N ARG A 18 10.62 17.54 45.06
CA ARG A 18 11.33 16.30 45.38
C ARG A 18 11.66 15.60 44.07
N LEU A 19 12.94 15.34 43.86
CA LEU A 19 13.44 14.72 42.64
C LEU A 19 13.90 13.28 42.86
N GLY A 20 13.53 12.41 41.94
CA GLY A 20 13.93 11.02 42.01
C GLY A 20 14.60 10.64 40.70
N VAL A 21 15.83 10.14 40.78
CA VAL A 21 16.55 9.78 39.58
C VAL A 21 17.22 8.41 39.69
N ALA A 22 17.18 7.67 38.60
CA ALA A 22 17.82 6.36 38.53
C ALA A 22 18.32 6.16 37.10
N LEU A 23 19.64 6.08 36.97
CA LEU A 23 20.27 5.88 35.68
C LEU A 23 21.04 4.57 35.72
N ILE A 24 20.80 3.72 34.73
CA ILE A 24 21.51 2.45 34.64
C ILE A 24 22.30 2.50 33.33
N ASN A 25 23.61 2.35 33.42
CA ASN A 25 24.46 2.35 32.24
C ASN A 25 24.71 0.89 31.92
N THR A 26 24.12 0.40 30.82
CA THR A 26 24.28 -1.01 30.46
C THR A 26 25.68 -1.37 29.97
N ALA A 27 26.55 -0.38 29.85
CA ALA A 27 27.92 -0.64 29.42
C ALA A 27 28.66 -1.42 30.50
N ASP A 28 28.42 -1.05 31.76
CA ASP A 28 29.07 -1.71 32.89
C ASP A 28 28.14 -1.93 34.07
N ASN A 29 26.85 -1.68 33.86
CA ASN A 29 25.84 -1.85 34.90
C ASN A 29 25.99 -0.87 36.06
N SER A 30 26.76 0.19 35.86
CA SER A 30 26.95 1.19 36.91
C SER A 30 25.63 1.96 37.04
N GLN A 31 25.44 2.65 38.15
CA GLN A 31 24.21 3.40 38.38
C GLN A 31 24.42 4.76 39.02
N VAL A 32 23.52 5.68 38.72
CA VAL A 32 23.55 7.02 39.31
C VAL A 32 22.18 7.08 39.99
N LEU A 33 22.18 7.16 41.32
CA LEU A 33 20.95 7.17 42.09
C LEU A 33 20.72 8.41 42.95
N TYR A 34 19.49 8.89 42.97
CA TYR A 34 19.09 10.04 43.78
C TYR A 34 17.66 9.75 44.24
N ARG A 35 17.50 9.48 45.55
CA ARG A 35 16.18 9.14 46.11
C ARG A 35 15.61 8.01 45.27
N ALA A 36 16.50 7.15 44.78
CA ALA A 36 16.13 6.03 43.90
C ALA A 36 15.25 4.95 44.52
N ASP A 37 15.22 4.85 45.85
CA ASP A 37 14.38 3.84 46.49
C ASP A 37 13.10 4.42 47.07
N GLU A 38 12.91 5.72 46.89
CA GLU A 38 11.70 6.39 47.38
C GLU A 38 10.55 6.20 46.40
N ARG A 39 9.32 6.19 46.91
CA ARG A 39 8.15 6.02 46.05
C ARG A 39 7.65 7.36 45.50
N PHE A 40 7.28 7.34 44.21
CA PHE A 40 6.75 8.51 43.52
C PHE A 40 5.54 8.05 42.74
N ALA A 41 4.56 8.94 42.58
CA ALA A 41 3.38 8.61 41.79
C ALA A 41 3.89 8.47 40.36
N MET A 42 3.51 7.37 39.71
CA MET A 42 3.95 7.11 38.33
C MET A 42 3.18 7.92 37.31
N CYS A 43 1.88 8.07 37.56
CA CYS A 43 0.98 8.76 36.65
C CYS A 43 1.05 8.09 35.27
N SER A 44 1.11 8.82 34.15
CA SER A 44 1.12 8.14 32.85
C SER A 44 2.31 7.23 32.58
N THR A 45 3.37 7.30 33.38
CA THR A 45 4.49 6.40 33.09
C THR A 45 4.09 4.96 33.38
N SER A 46 2.96 4.77 34.06
CA SER A 46 2.46 3.43 34.39
C SER A 46 1.93 2.73 33.14
N LYS A 47 1.71 3.50 32.08
CA LYS A 47 1.20 2.95 30.84
C LYS A 47 2.21 2.01 30.16
N VAL A 48 3.48 2.15 30.48
CA VAL A 48 4.50 1.28 29.89
C VAL A 48 4.32 -0.15 30.41
N MET A 49 4.26 -0.30 31.72
CA MET A 49 4.07 -1.63 32.32
C MET A 49 2.75 -2.23 31.83
N THR A 50 1.74 -1.39 31.69
CA THR A 50 0.41 -1.82 31.23
C THR A 50 0.46 -2.32 29.80
N ALA A 51 1.08 -1.54 28.91
CA ALA A 51 1.18 -1.93 27.51
C ALA A 51 2.02 -3.22 27.42
N ALA A 52 3.05 -3.31 28.25
CA ALA A 52 3.92 -4.48 28.27
C ALA A 52 3.15 -5.75 28.66
N ALA A 53 2.20 -5.60 29.58
CA ALA A 53 1.40 -6.76 30.01
C ALA A 53 0.60 -7.28 28.84
N VAL A 54 0.07 -6.37 28.03
CA VAL A 54 -0.70 -6.77 26.85
C VAL A 54 0.23 -7.48 25.87
N LEU A 55 1.42 -6.92 25.66
CA LEU A 55 2.40 -7.51 24.77
C LEU A 55 2.73 -8.93 25.23
N LYS A 56 2.91 -9.10 26.53
CA LYS A 56 3.22 -10.42 27.08
C LYS A 56 2.16 -11.44 26.64
N GLN A 57 0.89 -11.06 26.72
CA GLN A 57 -0.19 -11.96 26.31
C GLN A 57 -0.04 -12.38 24.84
N SER A 58 0.35 -11.44 23.98
CA SER A 58 0.50 -11.73 22.56
C SER A 58 1.56 -12.80 22.28
N GLU A 59 2.39 -13.10 23.28
CA GLU A 59 3.42 -14.11 23.10
C GLU A 59 2.82 -15.51 23.06
N THR A 60 1.66 -15.69 23.70
CA THR A 60 0.99 -16.98 23.73
C THR A 60 -0.41 -16.98 23.11
N HIS A 61 -0.91 -15.78 22.82
CA HIS A 61 -2.24 -15.64 22.20
C HIS A 61 -2.08 -14.99 20.83
N ASP A 62 -1.99 -15.82 19.80
CA ASP A 62 -1.81 -15.36 18.43
C ASP A 62 -2.80 -14.28 18.00
N GLY A 63 -2.27 -13.22 17.37
CA GLY A 63 -3.08 -12.13 16.87
C GLY A 63 -3.88 -11.28 17.84
N ILE A 64 -3.57 -11.37 19.13
CA ILE A 64 -4.31 -10.59 20.13
C ILE A 64 -4.23 -9.09 19.85
N LEU A 65 -3.09 -8.63 19.31
CA LEU A 65 -2.92 -7.20 19.02
C LEU A 65 -3.84 -6.68 17.92
N GLN A 66 -4.47 -7.58 17.18
CA GLN A 66 -5.40 -7.19 16.12
C GLN A 66 -6.85 -7.27 16.62
N GLN A 67 -7.03 -7.75 17.84
CA GLN A 67 -8.36 -7.86 18.44
C GLN A 67 -8.94 -6.45 18.60
N LYS A 68 -10.23 -6.31 18.30
CA LYS A 68 -10.89 -5.01 18.38
C LYS A 68 -11.65 -4.75 19.67
N MET A 69 -11.75 -3.48 20.03
CA MET A 69 -12.49 -3.02 21.20
C MET A 69 -13.28 -1.81 20.75
N THR A 70 -14.53 -1.71 21.20
CA THR A 70 -15.40 -0.61 20.81
C THR A 70 -15.21 0.65 21.66
N ILE A 71 -15.16 1.79 21.00
CA ILE A 71 -15.00 3.08 21.68
C ILE A 71 -16.33 3.83 21.66
N LYS A 72 -16.79 4.26 22.83
CA LYS A 72 -18.04 5.00 22.91
C LYS A 72 -17.86 6.32 23.65
N LYS A 73 -18.67 7.31 23.29
CA LYS A 73 -18.60 8.63 23.90
C LYS A 73 -18.54 8.51 25.42
N ALA A 74 -19.14 7.44 25.95
CA ALA A 74 -19.17 7.20 27.38
C ALA A 74 -17.82 6.77 27.95
N ASP A 75 -16.95 6.26 27.10
CA ASP A 75 -15.62 5.81 27.54
C ASP A 75 -14.67 6.98 27.68
N LEU A 76 -14.95 8.06 26.94
CA LEU A 76 -14.10 9.24 26.98
C LEU A 76 -13.85 9.74 28.40
N THR A 77 -12.65 10.25 28.62
CA THR A 77 -12.26 10.77 29.93
C THR A 77 -11.85 12.23 29.81
N ASN A 78 -10.86 12.63 30.59
CA ASN A 78 -10.39 14.01 30.58
C ASN A 78 -9.27 14.23 29.56
N TRP A 79 -8.84 13.17 28.89
CA TRP A 79 -7.79 13.26 27.90
C TRP A 79 -7.92 12.15 26.87
N ASN A 80 -8.46 12.48 25.70
CA ASN A 80 -8.66 11.49 24.64
C ASN A 80 -8.21 11.98 23.27
N PRO A 81 -6.92 12.35 23.14
CA PRO A 81 -6.38 12.84 21.87
C PRO A 81 -6.59 11.93 20.67
N VAL A 82 -6.54 10.62 20.88
CA VAL A 82 -6.73 9.69 19.77
C VAL A 82 -8.10 9.04 19.76
N THR A 83 -8.52 8.52 20.91
CA THR A 83 -9.81 7.85 21.02
C THR A 83 -11.04 8.67 20.62
N GLU A 84 -11.01 9.98 20.87
CA GLU A 84 -12.17 10.82 20.50
C GLU A 84 -12.39 10.79 18.99
N LYS A 85 -11.40 10.31 18.26
CA LYS A 85 -11.51 10.23 16.81
C LYS A 85 -12.16 8.92 16.38
N TYR A 86 -12.35 8.03 17.35
CA TYR A 86 -12.96 6.72 17.07
C TYR A 86 -14.28 6.49 17.78
N VAL A 87 -14.91 7.54 18.28
CA VAL A 87 -16.19 7.37 18.96
C VAL A 87 -17.17 6.65 18.05
N GLY A 88 -17.81 5.61 18.57
CA GLY A 88 -18.77 4.85 17.78
C GLY A 88 -18.12 3.84 16.85
N ASN A 89 -16.80 3.72 16.94
CA ASN A 89 -16.05 2.79 16.10
C ASN A 89 -15.16 1.90 16.96
N THR A 90 -14.31 1.11 16.29
CA THR A 90 -13.40 0.21 17.01
C THR A 90 -11.94 0.58 16.82
N MET A 91 -11.12 0.08 17.74
CA MET A 91 -9.68 0.28 17.73
C MET A 91 -9.06 -1.08 18.12
N THR A 92 -7.96 -1.44 17.47
CA THR A 92 -7.29 -2.70 17.80
C THR A 92 -6.46 -2.46 19.06
N LEU A 93 -6.11 -3.54 19.76
CA LEU A 93 -5.30 -3.41 20.96
C LEU A 93 -3.96 -2.75 20.64
N ALA A 94 -3.45 -2.97 19.43
CA ALA A 94 -2.19 -2.37 19.02
C ALA A 94 -2.37 -0.85 18.89
N GLU A 95 -3.48 -0.44 18.29
CA GLU A 95 -3.76 0.99 18.13
C GLU A 95 -3.98 1.62 19.50
N LEU A 96 -4.65 0.88 20.38
CA LEU A 96 -4.91 1.38 21.72
C LEU A 96 -3.60 1.51 22.50
N SER A 97 -2.70 0.55 22.32
CA SER A 97 -1.42 0.62 23.01
C SER A 97 -0.60 1.78 22.47
N ALA A 98 -0.62 1.97 21.16
CA ALA A 98 0.12 3.04 20.53
C ALA A 98 -0.39 4.40 21.00
N ALA A 99 -1.71 4.55 21.07
CA ALA A 99 -2.32 5.80 21.50
C ALA A 99 -1.98 6.07 22.96
N THR A 100 -2.00 5.02 23.77
CA THR A 100 -1.69 5.11 25.18
C THR A 100 -0.25 5.57 25.40
N LEU A 101 0.67 4.95 24.67
CA LEU A 101 2.08 5.26 24.83
C LEU A 101 2.59 6.51 24.14
N GLN A 102 2.11 6.78 22.94
CA GLN A 102 2.61 7.92 22.18
C GLN A 102 1.86 9.25 22.33
N TYR A 103 0.62 9.20 22.79
CA TYR A 103 -0.15 10.42 22.99
C TYR A 103 -0.70 10.46 24.41
N SER A 104 -0.38 9.42 25.17
CA SER A 104 -0.80 9.29 26.56
C SER A 104 -2.32 9.38 26.70
N ASP A 105 -3.02 8.74 25.76
CA ASP A 105 -4.48 8.73 25.76
C ASP A 105 -5.02 7.97 26.97
N ASN A 106 -5.84 8.64 27.78
CA ASN A 106 -6.43 8.04 28.97
C ASN A 106 -7.51 7.00 28.71
N THR A 107 -8.32 7.24 27.69
CA THR A 107 -9.38 6.31 27.36
C THR A 107 -8.75 5.03 26.82
N ALA A 108 -7.65 5.18 26.08
CA ALA A 108 -6.96 4.03 25.53
C ALA A 108 -6.42 3.20 26.69
N MET A 109 -5.86 3.88 27.68
CA MET A 109 -5.32 3.20 28.85
C MET A 109 -6.41 2.38 29.54
N ASN A 110 -7.58 3.00 29.75
CA ASN A 110 -8.69 2.30 30.41
C ASN A 110 -9.17 1.10 29.61
N LYS A 111 -9.12 1.18 28.28
CA LYS A 111 -9.53 0.05 27.45
C LYS A 111 -8.55 -1.09 27.67
N LEU A 112 -7.26 -0.77 27.77
CA LEU A 112 -6.25 -1.79 28.01
C LEU A 112 -6.46 -2.43 29.38
N LEU A 113 -6.76 -1.58 30.37
CA LEU A 113 -6.99 -2.08 31.73
C LEU A 113 -8.21 -3.01 31.78
N ALA A 114 -9.26 -2.62 31.07
CA ALA A 114 -10.49 -3.42 31.02
C ALA A 114 -10.17 -4.77 30.37
N HIS A 115 -9.40 -4.74 29.29
CA HIS A 115 -9.01 -5.96 28.60
C HIS A 115 -8.24 -6.89 29.53
N LEU A 116 -7.31 -6.31 30.28
CA LEU A 116 -6.47 -7.07 31.20
C LEU A 116 -7.16 -7.53 32.49
N GLY A 117 -8.34 -6.99 32.75
CA GLY A 117 -9.06 -7.38 33.95
C GLY A 117 -8.88 -6.44 35.13
N GLY A 118 -8.20 -5.32 34.89
CA GLY A 118 -8.00 -4.35 35.96
C GLY A 118 -6.55 -4.05 36.32
N PRO A 119 -6.31 -2.99 37.10
CA PRO A 119 -4.97 -2.57 37.53
C PRO A 119 -4.22 -3.70 38.23
N GLY A 120 -4.94 -4.47 39.03
CA GLY A 120 -4.33 -5.58 39.75
C GLY A 120 -3.57 -6.55 38.87
N ASN A 121 -4.05 -6.71 37.64
CA ASN A 121 -3.40 -7.62 36.70
C ASN A 121 -2.08 -7.05 36.20
N VAL A 122 -1.97 -5.72 36.22
CA VAL A 122 -0.73 -5.09 35.79
C VAL A 122 0.28 -5.26 36.92
N THR A 123 -0.19 -5.13 38.16
CA THR A 123 0.69 -5.31 39.31
C THR A 123 1.21 -6.74 39.26
N ALA A 124 0.33 -7.67 38.92
CA ALA A 124 0.69 -9.07 38.83
C ALA A 124 1.77 -9.29 37.77
N PHE A 125 1.63 -8.62 36.63
CA PHE A 125 2.62 -8.76 35.57
C PHE A 125 3.97 -8.27 36.08
N ALA A 126 3.95 -7.12 36.74
CA ALA A 126 5.18 -6.54 37.28
C ALA A 126 5.88 -7.56 38.19
N ARG A 127 5.11 -8.21 39.06
CA ARG A 127 5.70 -9.20 39.96
C ARG A 127 6.27 -10.36 39.15
N SER A 128 5.62 -10.71 38.05
CA SER A 128 6.10 -11.83 37.24
C SER A 128 7.47 -11.58 36.63
N ILE A 129 7.85 -10.31 36.46
CA ILE A 129 9.16 -10.00 35.89
C ILE A 129 10.16 -9.62 36.97
N GLY A 130 9.77 -9.77 38.23
CA GLY A 130 10.68 -9.48 39.32
C GLY A 130 10.58 -8.09 39.93
N ASP A 131 9.56 -7.34 39.57
CA ASP A 131 9.38 -5.99 40.12
C ASP A 131 8.45 -6.13 41.33
N THR A 132 9.00 -5.98 42.52
CA THR A 132 8.20 -6.09 43.74
C THR A 132 7.83 -4.73 44.33
N THR A 133 8.18 -3.67 43.62
CA THR A 133 7.89 -2.31 44.08
C THR A 133 6.68 -1.70 43.39
N PHE A 134 6.62 -1.87 42.07
CA PHE A 134 5.53 -1.34 41.25
C PHE A 134 4.16 -1.79 41.73
N ARG A 135 3.19 -0.88 41.66
CA ARG A 135 1.81 -1.20 42.03
C ARG A 135 0.84 -0.26 41.32
N LEU A 136 -0.13 -0.84 40.63
CA LEU A 136 -1.16 -0.06 39.94
C LEU A 136 -2.43 -0.39 40.71
N ASP A 137 -3.11 0.64 41.20
CA ASP A 137 -4.30 0.44 42.02
C ASP A 137 -5.62 0.98 41.46
N ARG A 138 -5.53 1.99 40.62
CA ARG A 138 -6.73 2.60 40.05
C ARG A 138 -6.65 2.75 38.54
N LYS A 139 -7.76 3.18 37.95
CA LYS A 139 -7.83 3.39 36.51
C LYS A 139 -7.71 4.89 36.26
N GLU A 140 -7.89 5.30 35.01
CA GLU A 140 -7.81 6.71 34.64
C GLU A 140 -9.16 7.36 34.95
N PRO A 141 -9.16 8.62 35.42
CA PRO A 141 -7.98 9.45 35.71
C PRO A 141 -7.53 9.48 37.17
N GLU A 142 -8.21 8.70 38.02
CA GLU A 142 -7.90 8.65 39.45
C GLU A 142 -6.45 8.30 39.80
N LEU A 143 -5.82 7.45 38.98
CA LEU A 143 -4.45 7.03 39.26
C LEU A 143 -3.44 8.19 39.21
N ASN A 144 -3.91 9.39 38.84
CA ASN A 144 -3.03 10.55 38.75
C ASN A 144 -3.12 11.55 39.90
N THR A 145 -3.81 11.20 40.98
CA THR A 145 -3.94 12.14 42.09
C THR A 145 -2.60 12.53 42.71
N ALA A 146 -1.63 11.61 42.64
CA ALA A 146 -0.28 11.83 43.16
C ALA A 146 -0.21 12.51 44.52
N ILE A 147 -1.09 12.10 45.42
CA ILE A 147 -1.14 12.67 46.77
C ILE A 147 0.12 12.33 47.57
N PRO A 148 0.75 13.32 48.21
CA PRO A 148 1.95 13.04 49.00
C PRO A 148 1.65 12.01 50.09
N GLY A 149 2.54 11.04 50.26
CA GLY A 149 2.35 10.02 51.27
C GLY A 149 1.46 8.86 50.86
N ASP A 150 0.82 8.98 49.69
CA ASP A 150 -0.06 7.91 49.21
C ASP A 150 0.79 6.95 48.40
N GLU A 151 0.67 5.65 48.68
CA GLU A 151 1.46 4.65 47.96
C GLU A 151 0.72 4.08 46.75
N ARG A 152 -0.55 4.42 46.61
CA ARG A 152 -1.32 3.92 45.47
C ARG A 152 -0.70 4.42 44.17
N ASP A 153 -0.60 3.53 43.19
CA ASP A 153 -0.08 3.86 41.87
C ASP A 153 1.30 4.51 41.90
N THR A 154 2.22 3.91 42.66
CA THR A 154 3.58 4.43 42.76
C THR A 154 4.61 3.33 42.54
N THR A 155 5.86 3.76 42.47
CA THR A 155 6.99 2.87 42.32
C THR A 155 8.22 3.71 42.61
N SER A 156 9.39 3.10 42.60
CA SER A 156 10.62 3.83 42.86
C SER A 156 11.37 4.03 41.55
N PRO A 157 12.24 5.04 41.48
CA PRO A 157 13.00 5.27 40.25
C PRO A 157 13.83 4.05 39.85
N LEU A 158 14.49 3.41 40.82
CA LEU A 158 15.32 2.25 40.52
C LEU A 158 14.52 1.03 40.08
N ALA A 159 13.36 0.80 40.70
CA ALA A 159 12.54 -0.35 40.33
C ALA A 159 12.02 -0.17 38.90
N MET A 160 11.59 1.04 38.57
CA MET A 160 11.07 1.31 37.23
C MET A 160 12.19 1.27 36.19
N ALA A 161 13.38 1.70 36.59
CA ALA A 161 14.51 1.66 35.66
C ALA A 161 14.86 0.20 35.36
N LYS A 162 14.94 -0.62 36.40
CA LYS A 162 15.26 -2.03 36.22
C LYS A 162 14.19 -2.72 35.36
N SER A 163 12.92 -2.44 35.64
CA SER A 163 11.85 -3.05 34.85
C SER A 163 11.88 -2.56 33.41
N LEU A 164 12.13 -1.27 33.21
CA LEU A 164 12.18 -0.75 31.85
C LEU A 164 13.32 -1.45 31.10
N ARG A 165 14.43 -1.68 31.78
CA ARG A 165 15.56 -2.35 31.17
C ARG A 165 15.16 -3.78 30.78
N LYS A 166 14.59 -4.51 31.72
CA LYS A 166 14.16 -5.88 31.47
C LYS A 166 13.20 -6.00 30.28
N LEU A 167 12.26 -5.07 30.20
CA LEU A 167 11.26 -5.06 29.14
C LEU A 167 11.77 -4.70 27.75
N THR A 168 12.64 -3.70 27.67
CA THR A 168 13.16 -3.24 26.39
C THR A 168 14.46 -3.87 25.91
N LEU A 169 15.32 -4.28 26.85
CA LEU A 169 16.61 -4.86 26.49
C LEU A 169 16.83 -6.26 27.03
N GLY A 170 16.07 -6.62 28.07
CA GLY A 170 16.21 -7.93 28.68
C GLY A 170 15.35 -9.04 28.09
N ASP A 171 14.93 -9.97 28.93
CA ASP A 171 14.11 -11.09 28.46
C ASP A 171 12.69 -11.14 29.03
N ALA A 172 12.24 -10.04 29.63
CA ALA A 172 10.89 -10.00 30.19
C ALA A 172 9.85 -10.21 29.09
N LEU A 173 10.19 -9.77 27.88
CA LEU A 173 9.32 -9.91 26.72
C LEU A 173 10.06 -10.67 25.63
N ALA A 174 9.32 -11.39 24.78
CA ALA A 174 9.93 -12.14 23.69
C ALA A 174 10.38 -11.14 22.62
N GLY A 175 11.20 -11.61 21.68
CA GLY A 175 11.71 -10.75 20.63
C GLY A 175 10.75 -9.79 19.92
N PRO A 176 9.71 -10.29 19.27
CA PRO A 176 8.74 -9.43 18.56
C PRO A 176 8.09 -8.38 19.47
N GLN A 177 7.73 -8.81 20.67
CA GLN A 177 7.09 -7.94 21.65
C GLN A 177 8.08 -6.88 22.14
N ARG A 178 9.29 -7.30 22.44
CA ARG A 178 10.34 -6.39 22.89
C ARG A 178 10.56 -5.31 21.83
N ALA A 179 10.61 -5.73 20.58
CA ALA A 179 10.83 -4.81 19.46
C ALA A 179 9.67 -3.82 19.31
N GLN A 180 8.45 -4.31 19.50
CA GLN A 180 7.27 -3.45 19.39
C GLN A 180 7.24 -2.40 20.50
N LEU A 181 7.62 -2.79 21.71
CA LEU A 181 7.62 -1.85 22.83
C LEU A 181 8.68 -0.77 22.58
N VAL A 182 9.84 -1.18 22.08
CA VAL A 182 10.91 -0.25 21.80
C VAL A 182 10.45 0.73 20.70
N ASP A 183 9.78 0.21 19.68
CA ASP A 183 9.29 1.03 18.58
C ASP A 183 8.26 2.06 19.09
N TRP A 184 7.34 1.62 19.93
CA TRP A 184 6.33 2.54 20.48
C TRP A 184 6.98 3.64 21.32
N LEU A 185 7.94 3.27 22.16
CA LEU A 185 8.61 4.25 23.00
C LEU A 185 9.37 5.28 22.16
N LYS A 186 10.03 4.81 21.11
CA LYS A 186 10.79 5.72 20.24
C LYS A 186 9.85 6.68 19.53
N GLY A 187 8.63 6.23 19.28
CA GLY A 187 7.66 7.06 18.58
C GLY A 187 6.84 7.98 19.46
N ASN A 188 7.16 8.05 20.75
CA ASN A 188 6.42 8.92 21.65
C ASN A 188 6.46 10.36 21.14
N THR A 189 5.35 11.07 21.26
CA THR A 189 5.28 12.45 20.78
C THR A 189 5.23 13.50 21.88
N THR A 190 5.23 13.06 23.14
CA THR A 190 5.14 14.00 24.27
C THR A 190 6.41 14.27 25.08
N GLY A 191 7.54 13.69 24.68
CA GLY A 191 8.75 13.89 25.46
C GLY A 191 9.72 14.96 25.02
N GLY A 192 9.35 15.73 24.00
CA GLY A 192 10.23 16.77 23.47
C GLY A 192 10.90 17.74 24.43
N GLN A 193 10.25 18.06 25.54
CA GLN A 193 10.83 19.00 26.50
C GLN A 193 11.33 18.36 27.78
N SER A 194 11.32 17.03 27.83
CA SER A 194 11.75 16.34 29.03
C SER A 194 13.17 15.76 28.91
N ILE A 195 13.33 14.48 29.20
CA ILE A 195 14.65 13.86 29.13
C ILE A 195 15.37 14.15 27.82
N ARG A 196 14.64 14.03 26.72
CA ARG A 196 15.22 14.28 25.40
C ARG A 196 15.85 15.67 25.29
N ALA A 197 15.24 16.66 25.93
CA ALA A 197 15.74 18.03 25.89
C ALA A 197 17.10 18.23 26.54
N GLY A 198 17.53 17.27 27.35
CA GLY A 198 18.82 17.39 28.00
C GLY A 198 19.90 16.56 27.35
N LEU A 199 19.62 16.02 26.17
CA LEU A 199 20.57 15.16 25.46
C LEU A 199 20.97 15.69 24.09
N PRO A 200 22.12 15.23 23.57
CA PRO A 200 22.54 15.69 22.24
C PRO A 200 21.39 15.30 21.32
N ALA A 201 21.03 16.18 20.40
CA ALA A 201 19.91 15.97 19.47
C ALA A 201 19.91 14.71 18.60
N HIS A 202 21.08 14.16 18.29
CA HIS A 202 21.12 12.97 17.43
C HIS A 202 21.09 11.64 18.19
N TRP A 203 21.10 11.70 19.52
CA TRP A 203 21.01 10.46 20.29
C TRP A 203 19.61 9.92 20.07
N VAL A 204 19.48 8.60 20.01
CA VAL A 204 18.18 7.95 19.81
C VAL A 204 17.54 7.67 21.16
N VAL A 205 16.25 7.99 21.27
CA VAL A 205 15.54 7.83 22.54
C VAL A 205 14.14 7.25 22.43
N GLY A 206 13.78 6.46 23.44
CA GLY A 206 12.46 5.88 23.55
C GLY A 206 12.02 6.30 24.94
N ASP A 207 10.82 6.86 25.09
CA ASP A 207 10.39 7.29 26.42
C ASP A 207 8.89 7.41 26.62
N LYS A 208 8.49 7.54 27.88
CA LYS A 208 7.09 7.73 28.24
C LYS A 208 7.06 8.78 29.35
N THR A 209 6.35 9.87 29.11
CA THR A 209 6.24 10.95 30.07
C THR A 209 5.04 10.82 30.99
N GLY A 210 4.97 11.73 31.96
CA GLY A 210 3.88 11.76 32.91
C GLY A 210 3.71 13.19 33.39
N ALA A 211 2.47 13.60 33.59
CA ALA A 211 2.16 14.96 34.06
C ALA A 211 0.85 14.86 34.83
N CYS A 212 0.91 15.09 36.13
CA CYS A 212 -0.28 15.00 36.96
C CYS A 212 -0.28 15.97 38.13
N ASP A 213 -1.21 15.77 39.07
CA ASP A 213 -1.34 16.65 40.23
C ASP A 213 -0.07 16.85 41.03
N TYR A 214 -0.08 17.89 41.86
CA TYR A 214 1.07 18.27 42.68
C TYR A 214 2.28 18.52 41.79
N GLY A 215 2.00 19.09 40.61
CA GLY A 215 3.05 19.41 39.65
C GLY A 215 4.00 18.26 39.37
N THR A 216 3.48 17.04 39.49
CA THR A 216 4.29 15.85 39.25
C THR A 216 4.63 15.75 37.76
N THR A 217 5.92 15.75 37.47
CA THR A 217 6.41 15.69 36.10
C THR A 217 7.37 14.51 35.99
N ASN A 218 7.01 13.50 35.20
CA ASN A 218 7.84 12.31 35.06
C ASN A 218 8.25 11.97 33.63
N ASP A 219 9.23 11.07 33.53
CA ASP A 219 9.70 10.60 32.25
C ASP A 219 10.65 9.42 32.51
N ILE A 220 10.46 8.35 31.76
CA ILE A 220 11.31 7.17 31.87
C ILE A 220 11.73 6.88 30.44
N ALA A 221 13.00 6.53 30.25
CA ALA A 221 13.49 6.29 28.90
C ALA A 221 14.68 5.37 28.78
N VAL A 222 14.86 4.93 27.54
CA VAL A 222 15.99 4.12 27.14
C VAL A 222 16.73 5.01 26.16
N ILE A 223 18.03 5.22 26.37
CA ILE A 223 18.83 6.11 25.54
C ILE A 223 20.02 5.41 24.89
N TRP A 224 20.16 5.60 23.58
CA TRP A 224 21.27 5.02 22.83
C TRP A 224 22.20 6.17 22.42
N PRO A 225 23.30 6.37 23.18
CA PRO A 225 24.26 7.44 22.89
C PRO A 225 25.14 7.03 21.71
N GLU A 226 24.77 7.47 20.51
CA GLU A 226 25.51 7.13 19.30
C GLU A 226 25.66 5.60 19.22
N ASP A 227 26.88 5.08 19.08
CA ASP A 227 27.06 3.63 18.98
C ASP A 227 27.49 2.97 20.30
N ARG A 228 27.25 3.66 21.41
CA ARG A 228 27.62 3.14 22.72
C ARG A 228 26.45 2.42 23.41
N ALA A 229 26.77 1.64 24.44
CA ALA A 229 25.78 0.88 25.18
C ALA A 229 24.63 1.76 25.66
N PRO A 230 23.38 1.27 25.53
CA PRO A 230 22.23 2.07 25.96
C PRO A 230 22.17 2.38 27.46
N LEU A 231 21.52 3.51 27.77
CA LEU A 231 21.34 3.95 29.14
C LEU A 231 19.85 3.91 29.44
N VAL A 232 19.49 3.51 30.65
CA VAL A 232 18.09 3.46 31.06
C VAL A 232 17.94 4.54 32.12
N LEU A 233 17.07 5.52 31.86
CA LEU A 233 16.89 6.63 32.79
C LEU A 233 15.47 6.89 33.24
N VAL A 234 15.33 7.08 34.55
CA VAL A 234 14.04 7.40 35.14
C VAL A 234 14.21 8.71 35.90
N THR A 235 13.39 9.70 35.55
CA THR A 235 13.42 10.98 36.23
C THR A 235 12.01 11.30 36.69
N TYR A 236 11.80 11.26 37.99
CA TYR A 236 10.52 11.51 38.59
C TYR A 236 10.64 12.80 39.40
N PHE A 237 9.59 13.61 39.44
CA PHE A 237 9.64 14.87 40.18
C PHE A 237 8.24 15.29 40.61
N THR A 238 8.11 15.70 41.87
CA THR A 238 6.81 16.11 42.39
C THR A 238 6.97 17.34 43.29
N GLN A 239 5.90 18.10 43.47
CA GLN A 239 5.98 19.32 44.27
C GLN A 239 4.99 19.38 45.44
N PRO A 240 5.15 20.37 46.33
CA PRO A 240 4.30 20.55 47.52
C PRO A 240 2.85 20.98 47.26
N GLN A 241 2.64 21.81 46.24
CA GLN A 241 1.29 22.32 45.92
C GLN A 241 0.55 21.43 44.92
N GLN A 242 -0.68 21.07 45.27
CA GLN A 242 -1.52 20.23 44.41
C GLN A 242 -1.72 20.83 43.02
N ASP A 243 -1.72 22.16 42.96
CA ASP A 243 -1.93 22.85 41.69
C ASP A 243 -0.64 23.44 41.11
N ALA A 244 0.51 22.92 41.54
CA ALA A 244 1.78 23.42 41.04
C ALA A 244 1.89 23.19 39.52
N LYS A 245 2.69 24.01 38.85
CA LYS A 245 2.88 23.86 37.42
C LYS A 245 3.93 22.81 37.14
N TRP A 246 3.83 22.14 36.00
CA TRP A 246 4.78 21.10 35.64
C TRP A 246 6.15 21.67 35.32
N ARG A 247 7.19 20.88 35.61
CA ARG A 247 8.56 21.30 35.38
C ARG A 247 9.34 20.32 34.51
N LYS A 248 9.01 20.27 33.22
CA LYS A 248 9.69 19.37 32.31
C LYS A 248 11.17 19.76 32.21
N ASP A 249 11.45 21.04 32.43
CA ASP A 249 12.81 21.57 32.39
C ASP A 249 13.68 20.94 33.48
N VAL A 250 13.07 20.58 34.60
CA VAL A 250 13.83 19.97 35.68
C VAL A 250 14.28 18.58 35.25
N LEU A 251 13.43 17.88 34.51
CA LEU A 251 13.77 16.53 34.05
C LEU A 251 14.88 16.63 33.01
N ALA A 252 14.80 17.64 32.15
CA ALA A 252 15.80 17.84 31.12
C ALA A 252 17.16 18.12 31.77
N ALA A 253 17.13 18.94 32.82
CA ALA A 253 18.35 19.29 33.55
C ALA A 253 18.93 18.06 34.23
N ALA A 254 18.05 17.25 34.84
CA ALA A 254 18.51 16.06 35.52
C ALA A 254 19.14 15.11 34.51
N ALA A 255 18.52 15.00 33.33
CA ALA A 255 19.01 14.13 32.27
C ALA A 255 20.41 14.58 31.80
N LYS A 256 20.57 15.87 31.55
CA LYS A 256 21.86 16.39 31.10
C LYS A 256 22.94 16.10 32.14
N ILE A 257 22.62 16.34 33.40
CA ILE A 257 23.56 16.11 34.50
C ILE A 257 24.11 14.68 34.56
N VAL A 258 23.23 13.69 34.49
CA VAL A 258 23.67 12.31 34.59
C VAL A 258 24.13 11.64 33.29
N THR A 259 23.82 12.22 32.14
CA THR A 259 24.24 11.62 30.87
C THR A 259 25.42 12.31 30.20
N GLU A 260 25.73 13.53 30.61
CA GLU A 260 26.84 14.23 30.00
C GLU A 260 28.11 13.38 30.06
N GLY A 261 28.76 13.21 28.91
CA GLY A 261 29.98 12.41 28.86
C GLY A 261 29.77 10.93 28.65
N LYS A 262 28.51 10.52 28.45
CA LYS A 262 28.21 9.11 28.23
C LYS A 262 28.13 8.78 26.75
N VAL B 1 10.41 -1.15 -5.68
CA VAL B 1 11.35 -2.28 -5.45
C VAL B 1 11.93 -2.80 -6.76
N GLN B 2 11.19 -2.65 -7.85
CA GLN B 2 11.66 -3.11 -9.15
C GLN B 2 12.86 -2.23 -9.53
N GLN B 3 12.85 -1.00 -9.03
CA GLN B 3 13.93 -0.07 -9.28
C GLN B 3 15.14 -0.50 -8.47
N VAL B 4 14.89 -1.08 -7.31
CA VAL B 4 15.98 -1.57 -6.46
C VAL B 4 16.62 -2.76 -7.16
N GLN B 5 15.78 -3.64 -7.71
CA GLN B 5 16.25 -4.81 -8.42
C GLN B 5 17.06 -4.46 -9.66
N LYS B 6 16.57 -3.49 -10.42
CA LYS B 6 17.27 -3.08 -11.63
C LYS B 6 18.65 -2.53 -11.27
N LYS B 7 18.71 -1.73 -10.21
CA LYS B 7 19.97 -1.15 -9.77
C LYS B 7 20.96 -2.20 -9.28
N LEU B 8 20.47 -3.20 -8.56
CA LEU B 8 21.35 -4.26 -8.07
C LEU B 8 21.90 -5.06 -9.24
N ALA B 9 21.04 -5.34 -10.22
CA ALA B 9 21.46 -6.09 -11.39
C ALA B 9 22.53 -5.31 -12.14
N ALA B 10 22.34 -4.00 -12.25
CA ALA B 10 23.29 -3.13 -12.94
C ALA B 10 24.62 -3.10 -12.19
N LEU B 11 24.55 -3.01 -10.86
CA LEU B 11 25.76 -2.99 -10.04
C LEU B 11 26.55 -4.30 -10.24
N GLU B 12 25.85 -5.42 -10.21
CA GLU B 12 26.53 -6.71 -10.39
C GLU B 12 27.21 -6.76 -11.76
N LYS B 13 26.51 -6.32 -12.79
CA LYS B 13 27.05 -6.31 -14.14
C LYS B 13 28.32 -5.46 -14.21
N GLN B 14 28.28 -4.28 -13.60
CA GLN B 14 29.43 -3.37 -13.60
C GLN B 14 30.61 -3.89 -12.78
N SER B 15 30.32 -4.72 -11.80
CA SER B 15 31.33 -5.27 -10.90
C SER B 15 32.14 -6.43 -11.47
N GLY B 16 31.56 -7.15 -12.43
CA GLY B 16 32.25 -8.28 -13.01
C GLY B 16 32.25 -9.50 -12.12
N GLY B 17 31.44 -9.47 -11.05
CA GLY B 17 31.38 -10.59 -10.14
C GLY B 17 29.96 -11.06 -9.87
N ARG B 18 29.80 -11.85 -8.81
CA ARG B 18 28.50 -12.37 -8.40
C ARG B 18 28.13 -11.74 -7.07
N LEU B 19 27.01 -11.05 -7.03
CA LEU B 19 26.55 -10.34 -5.85
C LEU B 19 25.35 -11.01 -5.16
N GLY B 20 25.41 -11.09 -3.84
CA GLY B 20 24.34 -11.68 -3.06
C GLY B 20 23.89 -10.69 -2.00
N VAL B 21 22.61 -10.37 -1.99
CA VAL B 21 22.08 -9.42 -1.02
C VAL B 21 20.77 -9.87 -0.37
N ALA B 22 20.66 -9.62 0.93
CA ALA B 22 19.47 -9.95 1.70
C ALA B 22 19.30 -8.89 2.77
N LEU B 23 18.21 -8.12 2.67
CA LEU B 23 17.91 -7.07 3.64
C LEU B 23 16.58 -7.42 4.29
N ILE B 24 16.54 -7.38 5.62
CA ILE B 24 15.30 -7.66 6.33
C ILE B 24 14.94 -6.40 7.09
N ASN B 25 13.74 -5.88 6.85
CA ASN B 25 13.28 -4.67 7.52
C ASN B 25 12.43 -5.16 8.68
N THR B 26 12.94 -5.05 9.90
CA THR B 26 12.21 -5.54 11.07
C THR B 26 10.94 -4.75 11.37
N ALA B 27 10.72 -3.65 10.65
CA ALA B 27 9.53 -2.86 10.87
C ALA B 27 8.29 -3.68 10.48
N ASP B 28 8.41 -4.41 9.37
CA ASP B 28 7.30 -5.24 8.88
C ASP B 28 7.77 -6.59 8.35
N ASN B 29 9.03 -6.92 8.60
CA ASN B 29 9.59 -8.19 8.15
C ASN B 29 9.66 -8.31 6.63
N SER B 30 9.60 -7.18 5.93
CA SER B 30 9.69 -7.19 4.48
C SER B 30 11.14 -7.48 4.11
N GLN B 31 11.38 -7.96 2.89
CA GLN B 31 12.73 -8.29 2.47
C GLN B 31 13.07 -7.76 1.08
N VAL B 32 14.36 -7.58 0.84
CA VAL B 32 14.87 -7.16 -0.46
C VAL B 32 15.89 -8.27 -0.75
N LEU B 33 15.65 -9.01 -1.82
CA LEU B 33 16.52 -10.13 -2.14
C LEU B 33 17.16 -10.11 -3.53
N TYR B 34 18.41 -10.58 -3.58
CA TYR B 34 19.16 -10.68 -4.84
C TYR B 34 20.09 -11.88 -4.66
N ARG B 35 19.81 -12.97 -5.38
CA ARG B 35 20.59 -14.20 -5.27
C ARG B 35 20.64 -14.57 -3.79
N ALA B 36 19.57 -14.22 -3.08
CA ALA B 36 19.47 -14.45 -1.65
C ALA B 36 19.51 -15.91 -1.19
N ASP B 37 19.20 -16.84 -2.10
CA ASP B 37 19.22 -18.26 -1.75
C ASP B 37 20.45 -18.98 -2.28
N GLU B 38 21.33 -18.25 -2.96
CA GLU B 38 22.55 -18.85 -3.50
C GLU B 38 23.62 -18.92 -2.40
N ARG B 39 24.53 -19.89 -2.51
CA ARG B 39 25.60 -20.04 -1.53
C ARG B 39 26.84 -19.22 -1.90
N PHE B 40 27.45 -18.62 -0.89
CA PHE B 40 28.66 -17.83 -1.03
C PHE B 40 29.56 -18.23 0.13
N ALA B 41 30.87 -18.18 -0.08
CA ALA B 41 31.81 -18.49 0.99
C ALA B 41 31.65 -17.37 2.02
N MET B 42 31.49 -17.73 3.29
CA MET B 42 31.31 -16.75 4.35
C MET B 42 32.60 -16.06 4.77
N CYS B 43 33.67 -16.84 4.77
CA CYS B 43 34.97 -16.36 5.21
C CYS B 43 34.87 -15.77 6.61
N SER B 44 35.49 -14.62 6.93
CA SER B 44 35.42 -14.14 8.32
C SER B 44 34.03 -13.83 8.83
N THR B 45 33.01 -13.74 7.99
CA THR B 45 31.69 -13.43 8.53
C THR B 45 31.15 -14.60 9.37
N SER B 46 31.78 -15.76 9.23
CA SER B 46 31.38 -16.93 10.00
C SER B 46 31.78 -16.76 11.45
N LYS B 47 32.63 -15.78 11.71
CA LYS B 47 33.10 -15.52 13.08
C LYS B 47 31.97 -15.06 13.99
N VAL B 48 30.92 -14.48 13.42
CA VAL B 48 29.80 -14.02 14.23
C VAL B 48 29.07 -15.22 14.84
N MET B 49 28.74 -16.19 13.99
CA MET B 49 28.05 -17.39 14.47
C MET B 49 28.90 -18.09 15.52
N THR B 50 30.22 -18.05 15.32
CA THR B 50 31.17 -18.68 16.24
C THR B 50 31.20 -18.00 17.61
N ALA B 51 31.32 -16.67 17.61
CA ALA B 51 31.34 -15.94 18.87
C ALA B 51 30.01 -16.10 19.58
N ALA B 52 28.93 -16.16 18.81
CA ALA B 52 27.60 -16.33 19.40
C ALA B 52 27.47 -17.68 20.08
N ALA B 53 28.07 -18.71 19.49
CA ALA B 53 28.01 -20.05 20.07
C ALA B 53 28.66 -20.04 21.46
N VAL B 54 29.70 -19.21 21.60
CA VAL B 54 30.39 -19.10 22.88
C VAL B 54 29.50 -18.34 23.86
N LEU B 55 28.88 -17.27 23.38
CA LEU B 55 27.98 -16.50 24.24
C LEU B 55 26.85 -17.40 24.74
N LYS B 56 26.33 -18.25 23.86
CA LYS B 56 25.26 -19.16 24.25
C LYS B 56 25.69 -20.02 25.44
N GLN B 57 26.91 -20.52 25.40
CA GLN B 57 27.40 -21.35 26.51
C GLN B 57 27.41 -20.57 27.83
N SER B 58 27.73 -19.28 27.76
CA SER B 58 27.79 -18.45 28.96
C SER B 58 26.44 -18.30 29.65
N GLU B 59 25.37 -18.68 28.95
CA GLU B 59 24.04 -18.61 29.53
C GLU B 59 23.87 -19.74 30.55
N THR B 60 24.66 -20.78 30.39
CA THR B 60 24.58 -21.93 31.29
C THR B 60 25.79 -22.04 32.22
N HIS B 61 26.98 -21.92 31.64
CA HIS B 61 28.20 -22.04 32.44
C HIS B 61 28.69 -20.69 32.90
N ASP B 62 28.37 -20.38 34.15
CA ASP B 62 28.73 -19.11 34.76
C ASP B 62 30.23 -18.82 34.71
N GLY B 63 30.55 -17.61 34.26
CA GLY B 63 31.93 -17.18 34.18
C GLY B 63 32.79 -17.81 33.10
N ILE B 64 32.18 -18.60 32.22
CA ILE B 64 32.98 -19.25 31.17
C ILE B 64 33.66 -18.24 30.24
N LEU B 65 33.10 -17.03 30.13
CA LEU B 65 33.72 -16.02 29.27
C LEU B 65 35.08 -15.62 29.80
N GLN B 66 35.34 -15.93 31.07
CA GLN B 66 36.63 -15.61 31.67
C GLN B 66 37.58 -16.80 31.66
N GLN B 67 37.15 -17.90 31.07
CA GLN B 67 38.02 -19.09 30.99
C GLN B 67 39.18 -18.70 30.09
N LYS B 68 40.38 -19.08 30.51
CA LYS B 68 41.58 -18.74 29.77
C LYS B 68 42.11 -19.80 28.83
N MET B 69 42.74 -19.33 27.75
CA MET B 69 43.36 -20.20 26.77
C MET B 69 44.76 -19.64 26.51
N THR B 70 45.76 -20.50 26.53
CA THR B 70 47.13 -20.06 26.28
C THR B 70 47.34 -19.71 24.81
N ILE B 71 48.19 -18.70 24.57
CA ILE B 71 48.52 -18.28 23.22
C ILE B 71 50.01 -18.55 23.04
N LYS B 72 50.34 -19.42 22.09
CA LYS B 72 51.73 -19.77 21.82
C LYS B 72 52.08 -19.43 20.38
N LYS B 73 53.37 -19.25 20.12
CA LYS B 73 53.85 -18.93 18.78
C LYS B 73 53.30 -19.92 17.75
N ALA B 74 53.24 -21.18 18.14
CA ALA B 74 52.75 -22.23 17.26
C ALA B 74 51.28 -22.08 16.91
N ASP B 75 50.54 -21.29 17.68
CA ASP B 75 49.12 -21.08 17.42
C ASP B 75 48.88 -20.03 16.34
N LEU B 76 49.83 -19.13 16.17
CA LEU B 76 49.72 -18.05 15.20
C LEU B 76 49.40 -18.49 13.77
N THR B 77 48.69 -17.64 13.05
CA THR B 77 48.30 -17.92 11.68
C THR B 77 48.79 -16.82 10.75
N ASN B 78 48.02 -16.52 9.71
CA ASN B 78 48.40 -15.50 8.75
C ASN B 78 47.87 -14.10 9.10
N TRP B 79 47.06 -14.02 10.16
CA TRP B 79 46.49 -12.74 10.57
C TRP B 79 46.25 -12.77 12.08
N ASN B 80 47.15 -12.18 12.85
CA ASN B 80 47.04 -12.17 14.30
C ASN B 80 47.21 -10.78 14.91
N PRO B 81 46.40 -9.80 14.47
CA PRO B 81 46.49 -8.43 15.00
C PRO B 81 46.49 -8.29 16.52
N VAL B 82 45.68 -9.11 17.20
CA VAL B 82 45.60 -9.05 18.65
C VAL B 82 46.42 -10.15 19.33
N THR B 83 46.20 -11.38 18.91
CA THR B 83 46.88 -12.52 19.48
C THR B 83 48.41 -12.44 19.46
N GLU B 84 48.98 -11.84 18.42
CA GLU B 84 50.43 -11.73 18.34
C GLU B 84 51.00 -10.92 19.49
N LYS B 85 50.14 -10.23 20.22
CA LYS B 85 50.58 -9.42 21.36
C LYS B 85 50.47 -10.22 22.65
N TYR B 86 49.86 -11.41 22.58
CA TYR B 86 49.67 -12.25 23.75
C TYR B 86 50.49 -13.53 23.78
N VAL B 87 51.45 -13.66 22.87
CA VAL B 87 52.27 -14.87 22.85
C VAL B 87 52.96 -15.01 24.21
N GLY B 88 52.85 -16.19 24.81
CA GLY B 88 53.47 -16.41 26.11
C GLY B 88 52.58 -15.87 27.21
N ASN B 89 51.29 -15.74 26.89
CA ASN B 89 50.31 -15.24 27.84
C ASN B 89 48.99 -15.93 27.51
N THR B 90 47.94 -15.59 28.25
CA THR B 90 46.62 -16.17 28.01
C THR B 90 45.64 -15.08 27.61
N MET B 91 44.49 -15.51 27.08
CA MET B 91 43.42 -14.61 26.69
C MET B 91 42.14 -15.33 27.08
N THR B 92 41.16 -14.59 27.59
CA THR B 92 39.90 -15.20 27.99
C THR B 92 39.05 -15.41 26.75
N LEU B 93 37.99 -16.21 26.88
CA LEU B 93 37.11 -16.45 25.75
C LEU B 93 36.48 -15.13 25.31
N ALA B 94 36.25 -14.24 26.27
CA ALA B 94 35.67 -12.93 25.96
C ALA B 94 36.65 -12.12 25.13
N GLU B 95 37.91 -12.06 25.57
CA GLU B 95 38.93 -11.30 24.83
C GLU B 95 39.15 -11.90 23.45
N LEU B 96 39.09 -13.22 23.36
CA LEU B 96 39.28 -13.90 22.08
C LEU B 96 38.11 -13.57 21.15
N SER B 97 36.91 -13.51 21.74
CA SER B 97 35.72 -13.18 20.96
C SER B 97 35.80 -11.75 20.42
N ALA B 98 36.21 -10.82 21.27
CA ALA B 98 36.33 -9.42 20.88
C ALA B 98 37.37 -9.28 19.77
N ALA B 99 38.47 -9.99 19.90
CA ALA B 99 39.55 -9.94 18.91
C ALA B 99 39.08 -10.50 17.57
N THR B 100 38.40 -11.63 17.59
CA THR B 100 37.93 -12.26 16.36
C THR B 100 36.90 -11.39 15.63
N LEU B 101 36.01 -10.78 16.41
CA LEU B 101 34.97 -9.94 15.83
C LEU B 101 35.37 -8.54 15.39
N GLN B 102 36.14 -7.85 16.22
CA GLN B 102 36.52 -6.48 15.93
C GLN B 102 37.79 -6.27 15.12
N TYR B 103 38.65 -7.28 15.07
CA TYR B 103 39.88 -7.18 14.28
C TYR B 103 40.03 -8.36 13.33
N SER B 104 39.05 -9.27 13.38
CA SER B 104 39.03 -10.46 12.53
C SER B 104 40.28 -11.32 12.70
N ASP B 105 40.75 -11.39 13.95
CA ASP B 105 41.94 -12.17 14.29
C ASP B 105 41.71 -13.66 14.01
N ASN B 106 42.53 -14.25 13.14
CA ASN B 106 42.39 -15.67 12.78
C ASN B 106 42.79 -16.66 13.87
N THR B 107 43.78 -16.30 14.67
CA THR B 107 44.23 -17.18 15.74
C THR B 107 43.15 -17.20 16.81
N ALA B 108 42.54 -16.04 17.05
CA ALA B 108 41.48 -15.93 18.04
C ALA B 108 40.32 -16.84 17.60
N MET B 109 40.01 -16.82 16.31
CA MET B 109 38.95 -17.66 15.76
C MET B 109 39.27 -19.14 16.00
N ASN B 110 40.50 -19.54 15.68
CA ASN B 110 40.89 -20.92 15.88
C ASN B 110 40.82 -21.35 17.33
N LYS B 111 41.14 -20.44 18.25
CA LYS B 111 41.08 -20.75 19.66
C LYS B 111 39.62 -21.01 20.06
N LEU B 112 38.72 -20.19 19.54
CA LEU B 112 37.30 -20.35 19.85
C LEU B 112 36.77 -21.67 19.27
N LEU B 113 37.20 -21.99 18.05
CA LEU B 113 36.77 -23.23 17.41
C LEU B 113 37.24 -24.42 18.25
N ALA B 114 38.50 -24.36 18.69
CA ALA B 114 39.07 -25.44 19.50
C ALA B 114 38.25 -25.60 20.77
N HIS B 115 37.96 -24.48 21.44
CA HIS B 115 37.17 -24.51 22.66
C HIS B 115 35.79 -25.12 22.43
N LEU B 116 35.15 -24.74 21.33
CA LEU B 116 33.81 -25.24 21.00
C LEU B 116 33.79 -26.68 20.53
N GLY B 117 34.95 -27.22 20.16
CA GLY B 117 35.00 -28.59 19.69
C GLY B 117 35.04 -28.71 18.18
N GLY B 118 35.36 -27.61 17.48
CA GLY B 118 35.44 -27.66 16.03
C GLY B 118 34.33 -26.98 15.25
N PRO B 119 34.55 -26.74 13.94
CA PRO B 119 33.59 -26.09 13.05
C PRO B 119 32.23 -26.76 13.08
N GLY B 120 32.21 -28.07 13.21
CA GLY B 120 30.97 -28.82 13.25
C GLY B 120 30.03 -28.36 14.37
N ASN B 121 30.60 -27.94 15.50
CA ASN B 121 29.76 -27.48 16.60
C ASN B 121 29.23 -26.07 16.36
N VAL B 122 29.89 -25.32 15.48
CA VAL B 122 29.40 -23.99 15.16
C VAL B 122 28.18 -24.21 14.27
N THR B 123 28.32 -25.16 13.35
CA THR B 123 27.21 -25.52 12.45
C THR B 123 26.03 -25.99 13.30
N ALA B 124 26.32 -26.75 14.36
CA ALA B 124 25.27 -27.24 15.24
C ALA B 124 24.55 -26.07 15.90
N PHE B 125 25.30 -25.07 16.32
CA PHE B 125 24.70 -23.90 16.94
C PHE B 125 23.83 -23.18 15.92
N ALA B 126 24.32 -23.09 14.69
CA ALA B 126 23.55 -22.43 13.62
C ALA B 126 22.18 -23.10 13.50
N ARG B 127 22.19 -24.42 13.45
CA ARG B 127 20.95 -25.18 13.32
C ARG B 127 20.07 -25.00 14.55
N SER B 128 20.68 -24.83 15.71
CA SER B 128 19.92 -24.67 16.94
C SER B 128 19.09 -23.39 16.89
N ILE B 129 19.50 -22.44 16.03
CA ILE B 129 18.75 -21.20 15.91
C ILE B 129 17.93 -21.18 14.62
N GLY B 130 17.74 -22.37 14.03
CA GLY B 130 16.94 -22.49 12.82
C GLY B 130 17.62 -22.31 11.47
N ASP B 131 18.94 -22.25 11.46
CA ASP B 131 19.70 -22.06 10.22
C ASP B 131 20.19 -23.42 9.71
N THR B 132 19.55 -23.93 8.66
CA THR B 132 19.94 -25.22 8.10
C THR B 132 20.77 -25.05 6.83
N THR B 133 21.15 -23.80 6.54
CA THR B 133 21.93 -23.51 5.34
C THR B 133 23.41 -23.37 5.70
N PHE B 134 23.66 -22.66 6.79
CA PHE B 134 25.01 -22.41 7.28
C PHE B 134 25.80 -23.69 7.48
N ARG B 135 27.08 -23.66 7.10
CA ARG B 135 27.94 -24.81 7.31
C ARG B 135 29.39 -24.36 7.40
N LEU B 136 30.03 -24.67 8.52
CA LEU B 136 31.44 -24.33 8.72
C LEU B 136 32.12 -25.68 8.70
N ASP B 137 33.07 -25.85 7.80
CA ASP B 137 33.77 -27.12 7.63
C ASP B 137 35.24 -27.14 8.04
N ARG B 138 35.90 -26.01 7.91
CA ARG B 138 37.32 -25.93 8.22
C ARG B 138 37.65 -24.83 9.21
N LYS B 139 38.91 -24.80 9.63
CA LYS B 139 39.38 -23.77 10.56
C LYS B 139 40.17 -22.74 9.74
N GLU B 140 40.80 -21.79 10.42
CA GLU B 140 41.60 -20.76 9.75
C GLU B 140 42.97 -21.34 9.44
N PRO B 141 43.55 -20.98 8.27
CA PRO B 141 42.97 -20.10 7.26
C PRO B 141 42.31 -20.81 6.08
N GLU B 142 42.25 -22.15 6.12
CA GLU B 142 41.66 -22.93 5.02
C GLU B 142 40.20 -22.61 4.69
N LEU B 143 39.43 -22.17 5.67
CA LEU B 143 38.02 -21.88 5.42
C LEU B 143 37.83 -20.66 4.51
N ASN B 144 38.94 -20.06 4.07
CA ASN B 144 38.88 -18.88 3.20
C ASN B 144 39.18 -19.11 1.72
N THR B 145 39.29 -20.37 1.30
CA THR B 145 39.58 -20.66 -0.10
C THR B 145 38.52 -20.16 -1.09
N ALA B 146 37.28 -20.08 -0.64
CA ALA B 146 36.16 -19.59 -1.46
C ALA B 146 36.15 -20.07 -2.91
N ILE B 147 36.42 -21.35 -3.12
CA ILE B 147 36.44 -21.91 -4.48
C ILE B 147 35.03 -21.96 -5.08
N PRO B 148 34.87 -21.45 -6.32
CA PRO B 148 33.56 -21.47 -6.99
C PRO B 148 33.00 -22.88 -7.06
N GLY B 149 31.75 -23.05 -6.66
CA GLY B 149 31.13 -24.37 -6.70
C GLY B 149 31.31 -25.19 -5.44
N ASP B 150 32.28 -24.80 -4.62
CA ASP B 150 32.56 -25.49 -3.36
C ASP B 150 31.53 -25.06 -2.32
N GLU B 151 30.86 -26.01 -1.68
CA GLU B 151 29.87 -25.63 -0.69
C GLU B 151 30.42 -25.59 0.74
N ARG B 152 31.69 -25.95 0.90
CA ARG B 152 32.31 -25.92 2.22
C ARG B 152 32.39 -24.48 2.72
N ASP B 153 32.10 -24.28 4.00
CA ASP B 153 32.17 -22.96 4.62
C ASP B 153 31.36 -21.89 3.90
N THR B 154 30.13 -22.25 3.54
CA THR B 154 29.25 -21.32 2.84
C THR B 154 27.88 -21.24 3.49
N THR B 155 27.11 -20.25 3.05
CA THR B 155 25.74 -20.04 3.48
C THR B 155 25.13 -19.11 2.45
N SER B 156 23.84 -18.81 2.60
CA SER B 156 23.17 -17.92 1.66
C SER B 156 22.95 -16.57 2.34
N PRO B 157 22.78 -15.51 1.55
CA PRO B 157 22.57 -14.19 2.14
C PRO B 157 21.35 -14.15 3.06
N LEU B 158 20.25 -14.76 2.64
CA LEU B 158 19.02 -14.76 3.44
C LEU B 158 19.17 -15.57 4.72
N ALA B 159 19.80 -16.74 4.64
CA ALA B 159 20.00 -17.57 5.82
C ALA B 159 20.84 -16.83 6.84
N MET B 160 21.88 -16.14 6.38
CA MET B 160 22.74 -15.41 7.29
C MET B 160 22.01 -14.19 7.84
N ALA B 161 21.18 -13.56 7.01
CA ALA B 161 20.44 -12.39 7.46
C ALA B 161 19.47 -12.78 8.58
N LYS B 162 18.76 -13.89 8.38
CA LYS B 162 17.81 -14.37 9.39
C LYS B 162 18.52 -14.72 10.69
N SER B 163 19.66 -15.39 10.59
CA SER B 163 20.42 -15.74 11.80
C SER B 163 20.95 -14.51 12.54
N LEU B 164 21.49 -13.55 11.81
CA LEU B 164 22.02 -12.35 12.44
C LEU B 164 20.90 -11.62 13.18
N ARG B 165 19.71 -11.61 12.58
CA ARG B 165 18.57 -10.96 13.21
C ARG B 165 18.17 -11.66 14.50
N LYS B 166 18.09 -13.00 14.45
CA LYS B 166 17.71 -13.75 15.63
C LYS B 166 18.74 -13.57 16.75
N LEU B 167 20.00 -13.49 16.37
CA LEU B 167 21.10 -13.32 17.33
C LEU B 167 21.19 -11.95 17.97
N THR B 168 21.00 -10.89 17.19
CA THR B 168 21.12 -9.53 17.69
C THR B 168 19.83 -8.85 18.14
N LEU B 169 18.70 -9.32 17.62
CA LEU B 169 17.42 -8.70 17.97
C LEU B 169 16.39 -9.72 18.45
N GLY B 170 16.53 -10.96 18.00
CA GLY B 170 15.59 -12.01 18.40
C GLY B 170 15.92 -12.66 19.72
N ASP B 171 15.46 -13.90 19.90
CA ASP B 171 15.68 -14.62 21.15
C ASP B 171 16.66 -15.78 21.09
N ALA B 172 17.59 -15.75 20.14
CA ALA B 172 18.58 -16.82 20.03
C ALA B 172 19.49 -16.80 21.26
N LEU B 173 19.75 -15.60 21.76
CA LEU B 173 20.60 -15.41 22.93
C LEU B 173 19.82 -14.71 24.02
N ALA B 174 20.25 -14.89 25.28
CA ALA B 174 19.60 -14.24 26.41
C ALA B 174 20.03 -12.77 26.41
N GLY B 175 19.33 -11.95 27.19
CA GLY B 175 19.62 -10.53 27.27
C GLY B 175 21.07 -10.09 27.40
N PRO B 176 21.78 -10.51 28.45
CA PRO B 176 23.18 -10.12 28.64
C PRO B 176 24.06 -10.51 27.45
N GLN B 177 23.85 -11.71 26.94
CA GLN B 177 24.62 -12.23 25.80
C GLN B 177 24.30 -11.46 24.53
N ARG B 178 23.02 -11.22 24.29
CA ARG B 178 22.59 -10.47 23.12
C ARG B 178 23.22 -9.07 23.14
N ALA B 179 23.20 -8.44 24.31
CA ALA B 179 23.76 -7.10 24.46
C ALA B 179 25.25 -7.09 24.13
N GLN B 180 25.98 -8.09 24.62
CA GLN B 180 27.41 -8.18 24.37
C GLN B 180 27.71 -8.34 22.88
N LEU B 181 26.98 -9.22 22.20
CA LEU B 181 27.20 -9.43 20.76
C LEU B 181 26.95 -8.13 20.00
N VAL B 182 25.89 -7.42 20.37
CA VAL B 182 25.56 -6.16 19.72
C VAL B 182 26.68 -5.14 19.95
N ASP B 183 27.16 -5.07 21.18
CA ASP B 183 28.23 -4.13 21.52
C ASP B 183 29.50 -4.48 20.73
N TRP B 184 29.82 -5.77 20.65
CA TRP B 184 31.01 -6.18 19.91
C TRP B 184 30.92 -5.80 18.43
N LEU B 185 29.75 -6.04 17.83
CA LEU B 185 29.54 -5.72 16.43
C LEU B 185 29.66 -4.22 16.15
N LYS B 186 29.12 -3.41 17.05
CA LYS B 186 29.19 -1.96 16.92
C LYS B 186 30.63 -1.47 17.01
N GLY B 187 31.46 -2.22 17.73
CA GLY B 187 32.85 -1.85 17.89
C GLY B 187 33.82 -2.42 16.85
N ASN B 188 33.28 -3.00 15.78
CA ASN B 188 34.15 -3.55 14.74
C ASN B 188 34.97 -2.41 14.14
N THR B 189 36.25 -2.69 13.85
CA THR B 189 37.14 -1.66 13.29
C THR B 189 37.48 -1.86 11.82
N THR B 190 36.96 -2.91 11.20
CA THR B 190 37.27 -3.21 9.81
C THR B 190 36.17 -2.91 8.79
N GLY B 191 35.04 -2.35 9.23
CA GLY B 191 33.96 -2.13 8.29
C GLY B 191 33.76 -0.75 7.69
N GLY B 192 34.70 0.16 7.93
CA GLY B 192 34.58 1.52 7.43
C GLY B 192 34.35 1.74 5.95
N GLN B 193 34.88 0.87 5.10
CA GLN B 193 34.71 1.02 3.66
C GLN B 193 33.69 0.06 3.05
N SER B 194 32.92 -0.63 3.89
CA SER B 194 31.93 -1.57 3.40
C SER B 194 30.49 -1.07 3.54
N ILE B 195 29.62 -1.87 4.12
CA ILE B 195 28.22 -1.47 4.28
C ILE B 195 28.11 -0.06 4.86
N ARG B 196 28.88 0.22 5.90
CA ARG B 196 28.85 1.53 6.56
C ARG B 196 29.05 2.70 5.59
N ALA B 197 29.93 2.53 4.61
CA ALA B 197 30.21 3.59 3.66
C ALA B 197 29.05 3.94 2.73
N GLY B 198 28.03 3.08 2.70
CA GLY B 198 26.89 3.34 1.84
C GLY B 198 25.68 3.81 2.62
N LEU B 199 25.86 4.07 3.91
CA LEU B 199 24.77 4.49 4.78
C LEU B 199 24.96 5.88 5.37
N PRO B 200 23.86 6.55 5.73
CA PRO B 200 23.96 7.88 6.32
C PRO B 200 24.91 7.75 7.51
N ALA B 201 25.81 8.72 7.66
CA ALA B 201 26.80 8.71 8.72
C ALA B 201 26.31 8.60 10.16
N HIS B 202 25.11 9.10 10.45
CA HIS B 202 24.60 9.06 11.82
C HIS B 202 23.87 7.77 12.19
N TRP B 203 23.62 6.90 11.21
CA TRP B 203 22.95 5.64 11.51
C TRP B 203 23.90 4.81 12.37
N VAL B 204 23.35 4.04 13.30
CA VAL B 204 24.16 3.21 14.18
C VAL B 204 24.28 1.82 13.57
N VAL B 205 25.51 1.31 13.51
CA VAL B 205 25.74 0.02 12.87
C VAL B 205 26.65 -0.95 13.63
N GLY B 206 26.32 -2.22 13.52
CA GLY B 206 27.11 -3.30 14.07
C GLY B 206 27.36 -4.19 12.86
N ASP B 207 28.61 -4.59 12.61
CA ASP B 207 28.86 -5.44 11.45
C ASP B 207 30.11 -6.31 11.59
N LYS B 208 30.23 -7.25 10.66
CA LYS B 208 31.39 -8.14 10.59
C LYS B 208 31.69 -8.33 9.11
N THR B 209 32.89 -7.95 8.72
CA THR B 209 33.32 -8.04 7.34
C THR B 209 33.99 -9.38 7.04
N GLY B 210 34.33 -9.56 5.77
CA GLY B 210 35.01 -10.77 5.33
C GLY B 210 35.76 -10.46 4.05
N ALA B 211 36.95 -11.00 3.92
CA ALA B 211 37.77 -10.79 2.73
C ALA B 211 38.62 -12.05 2.54
N CYS B 212 38.44 -12.71 1.41
CA CYS B 212 39.19 -13.93 1.12
C CYS B 212 39.41 -14.14 -0.36
N ASP B 213 39.86 -15.33 -0.73
CA ASP B 213 40.16 -15.67 -2.12
C ASP B 213 39.03 -15.40 -3.11
N TYR B 214 39.41 -15.35 -4.39
CA TYR B 214 38.49 -15.06 -5.47
C TYR B 214 37.86 -13.68 -5.24
N GLY B 215 38.67 -12.80 -4.65
CA GLY B 215 38.23 -11.44 -4.38
C GLY B 215 36.90 -11.38 -3.64
N THR B 216 36.63 -12.41 -2.85
CA THR B 216 35.39 -12.48 -2.10
C THR B 216 35.39 -11.38 -1.04
N THR B 217 34.40 -10.50 -1.13
CA THR B 217 34.28 -9.38 -0.20
C THR B 217 32.90 -9.41 0.43
N ASN B 218 32.86 -9.62 1.75
CA ASN B 218 31.59 -9.72 2.46
C ASN B 218 31.42 -8.76 3.63
N ASP B 219 30.18 -8.69 4.12
CA ASP B 219 29.84 -7.86 5.26
C ASP B 219 28.39 -8.17 5.66
N ILE B 220 28.16 -8.33 6.95
CA ILE B 220 26.82 -8.59 7.44
C ILE B 220 26.64 -7.57 8.56
N ALA B 221 25.46 -6.95 8.61
CA ALA B 221 25.25 -5.94 9.63
C ALA B 221 23.82 -5.76 10.09
N VAL B 222 23.71 -5.19 11.27
CA VAL B 222 22.43 -4.82 11.85
C VAL B 222 22.50 -3.30 11.88
N ILE B 223 21.49 -2.63 11.33
CA ILE B 223 21.47 -1.19 11.21
C ILE B 223 20.26 -0.52 11.88
N TRP B 224 20.53 0.55 12.62
CA TRP B 224 19.49 1.31 13.30
C TRP B 224 19.40 2.68 12.61
N PRO B 225 18.40 2.86 11.73
CA PRO B 225 18.24 4.13 11.03
C PRO B 225 17.49 5.12 11.92
N GLU B 226 18.25 6.04 12.54
CA GLU B 226 17.68 7.02 13.46
C GLU B 226 16.79 6.30 14.48
N ASP B 227 15.53 6.72 14.60
CA ASP B 227 14.63 6.09 15.56
C ASP B 227 13.65 5.10 14.94
N ARG B 228 13.96 4.61 13.75
CA ARG B 228 13.10 3.65 13.07
C ARG B 228 13.57 2.21 13.32
N ALA B 229 12.70 1.24 13.06
CA ALA B 229 13.02 -0.17 13.28
C ALA B 229 14.33 -0.58 12.60
N PRO B 230 15.14 -1.39 13.28
CA PRO B 230 16.41 -1.82 12.71
C PRO B 230 16.32 -2.67 11.43
N LEU B 231 17.39 -2.61 10.65
CA LEU B 231 17.49 -3.36 9.40
C LEU B 231 18.64 -4.35 9.56
N VAL B 232 18.49 -5.53 8.97
CA VAL B 232 19.55 -6.53 9.00
C VAL B 232 19.92 -6.74 7.54
N LEU B 233 21.19 -6.51 7.23
CA LEU B 233 21.67 -6.60 5.87
C LEU B 233 22.91 -7.47 5.68
N VAL B 234 22.84 -8.31 4.64
CA VAL B 234 23.95 -9.18 4.28
C VAL B 234 24.31 -8.89 2.82
N THR B 235 25.56 -8.54 2.58
CA THR B 235 26.03 -8.28 1.24
C THR B 235 27.26 -9.16 1.01
N TYR B 236 27.12 -10.11 0.11
CA TYR B 236 28.17 -11.03 -0.21
C TYR B 236 28.58 -10.79 -1.66
N PHE B 237 29.88 -10.86 -1.95
CA PHE B 237 30.35 -10.63 -3.31
C PHE B 237 31.56 -11.50 -3.59
N THR B 238 31.59 -12.11 -4.76
CA THR B 238 32.73 -12.94 -5.14
C THR B 238 33.03 -12.76 -6.63
N GLN B 239 34.27 -13.03 -7.01
CA GLN B 239 34.70 -12.83 -8.39
C GLN B 239 35.28 -14.09 -9.04
N PRO B 240 35.41 -14.09 -10.38
CA PRO B 240 35.93 -15.22 -11.16
C PRO B 240 37.41 -15.57 -11.00
N GLN B 241 38.22 -14.56 -10.70
CA GLN B 241 39.66 -14.76 -10.56
C GLN B 241 40.08 -15.05 -9.12
N GLN B 242 40.84 -16.13 -8.94
CA GLN B 242 41.32 -16.53 -7.62
C GLN B 242 42.07 -15.41 -6.92
N ASP B 243 42.79 -14.60 -7.69
CA ASP B 243 43.58 -13.51 -7.13
C ASP B 243 42.96 -12.12 -7.28
N ALA B 244 41.66 -12.08 -7.55
CA ALA B 244 40.97 -10.80 -7.70
C ALA B 244 41.10 -9.97 -6.42
N LYS B 245 41.22 -8.66 -6.57
CA LYS B 245 41.33 -7.76 -5.43
C LYS B 245 39.94 -7.55 -4.83
N TRP B 246 39.89 -7.22 -3.54
CA TRP B 246 38.60 -7.00 -2.87
C TRP B 246 37.88 -5.77 -3.41
N ARG B 247 36.55 -5.80 -3.33
CA ARG B 247 35.71 -4.71 -3.80
C ARG B 247 34.73 -4.26 -2.73
N LYS B 248 35.25 -3.65 -1.67
CA LYS B 248 34.40 -3.17 -0.60
C LYS B 248 33.44 -2.12 -1.13
N ASP B 249 33.87 -1.39 -2.16
CA ASP B 249 33.03 -0.36 -2.76
C ASP B 249 31.74 -0.95 -3.32
N VAL B 250 31.79 -2.20 -3.76
CA VAL B 250 30.58 -2.84 -4.29
C VAL B 250 29.58 -3.07 -3.17
N LEU B 251 30.08 -3.39 -1.99
CA LEU B 251 29.21 -3.62 -0.84
C LEU B 251 28.56 -2.31 -0.38
N ALA B 252 29.35 -1.23 -0.39
CA ALA B 252 28.84 0.07 0.00
C ALA B 252 27.74 0.50 -0.98
N ALA B 253 27.96 0.22 -2.26
CA ALA B 253 27.01 0.56 -3.32
C ALA B 253 25.71 -0.23 -3.16
N ALA B 254 25.81 -1.50 -2.79
CA ALA B 254 24.63 -2.34 -2.61
C ALA B 254 23.82 -1.86 -1.41
N ALA B 255 24.52 -1.45 -0.35
CA ALA B 255 23.88 -0.97 0.87
C ALA B 255 23.13 0.33 0.59
N LYS B 256 23.75 1.20 -0.20
CA LYS B 256 23.15 2.48 -0.56
C LYS B 256 21.84 2.23 -1.30
N ILE B 257 21.86 1.27 -2.22
CA ILE B 257 20.69 0.94 -3.01
C ILE B 257 19.51 0.36 -2.21
N VAL B 258 19.78 -0.61 -1.35
CA VAL B 258 18.71 -1.25 -0.60
C VAL B 258 18.23 -0.54 0.66
N THR B 259 19.00 0.43 1.17
CA THR B 259 18.58 1.14 2.38
C THR B 259 18.00 2.53 2.08
N GLU B 260 18.03 2.94 0.81
CA GLU B 260 17.49 4.24 0.42
C GLU B 260 16.03 4.33 0.82
N GLY B 261 15.67 5.42 1.49
CA GLY B 261 14.29 5.61 1.91
C GLY B 261 13.87 4.86 3.16
N LYS B 262 14.84 4.28 3.86
CA LYS B 262 14.54 3.53 5.08
C LYS B 262 14.81 4.34 6.35
N VAL C 1 -42.47 8.07 -11.85
CA VAL C 1 -43.91 8.03 -11.49
C VAL C 1 -44.13 8.65 -10.12
N GLN C 2 -45.39 8.88 -9.78
CA GLN C 2 -45.72 9.47 -8.48
C GLN C 2 -45.59 8.41 -7.40
N GLN C 3 -45.61 7.15 -7.82
CA GLN C 3 -45.48 6.04 -6.89
C GLN C 3 -44.05 6.00 -6.35
N VAL C 4 -43.10 6.37 -7.19
CA VAL C 4 -41.71 6.40 -6.77
C VAL C 4 -41.56 7.48 -5.71
N GLN C 5 -42.20 8.62 -5.95
CA GLN C 5 -42.16 9.73 -5.01
C GLN C 5 -42.85 9.39 -3.70
N LYS C 6 -43.96 8.65 -3.76
CA LYS C 6 -44.66 8.27 -2.54
C LYS C 6 -43.81 7.29 -1.74
N LYS C 7 -43.20 6.33 -2.43
CA LYS C 7 -42.36 5.34 -1.75
C LYS C 7 -41.15 5.99 -1.11
N LEU C 8 -40.58 7.00 -1.78
CA LEU C 8 -39.42 7.71 -1.23
C LEU C 8 -39.81 8.50 0.01
N ALA C 9 -40.99 9.11 -0.03
CA ALA C 9 -41.47 9.89 1.10
C ALA C 9 -41.73 8.96 2.28
N ALA C 10 -42.30 7.79 2.00
CA ALA C 10 -42.58 6.80 3.03
C ALA C 10 -41.29 6.27 3.63
N LEU C 11 -40.31 6.01 2.77
CA LEU C 11 -39.01 5.52 3.23
C LEU C 11 -38.38 6.55 4.16
N GLU C 12 -38.40 7.82 3.74
CA GLU C 12 -37.83 8.89 4.55
C GLU C 12 -38.52 8.95 5.92
N LYS C 13 -39.84 8.95 5.90
CA LYS C 13 -40.62 9.01 7.15
C LYS C 13 -40.26 7.86 8.08
N GLN C 14 -40.17 6.66 7.52
CA GLN C 14 -39.83 5.47 8.30
C GLN C 14 -38.41 5.50 8.85
N SER C 15 -37.50 6.15 8.14
CA SER C 15 -36.10 6.23 8.54
C SER C 15 -35.82 7.23 9.66
N GLY C 16 -36.71 8.22 9.82
CA GLY C 16 -36.51 9.22 10.85
C GLY C 16 -35.48 10.28 10.48
N GLY C 17 -34.99 10.24 9.24
CA GLY C 17 -34.00 11.23 8.83
C GLY C 17 -34.40 12.03 7.61
N ARG C 18 -33.41 12.61 6.93
CA ARG C 18 -33.65 13.41 5.73
C ARG C 18 -32.95 12.71 4.56
N LEU C 19 -33.74 12.33 3.56
CA LEU C 19 -33.24 11.63 2.37
C LEU C 19 -33.10 12.51 1.14
N GLY C 20 -31.96 12.37 0.46
CA GLY C 20 -31.70 13.12 -0.76
C GLY C 20 -31.38 12.15 -1.87
N VAL C 21 -32.11 12.22 -2.97
CA VAL C 21 -31.90 11.31 -4.09
C VAL C 21 -31.94 11.99 -5.46
N ALA C 22 -31.01 11.58 -6.32
CA ALA C 22 -30.93 12.10 -7.68
C ALA C 22 -30.53 10.96 -8.59
N LEU C 23 -31.42 10.59 -9.50
CA LEU C 23 -31.14 9.53 -10.46
C LEU C 23 -31.20 10.13 -11.86
N ILE C 24 -30.15 9.94 -12.64
CA ILE C 24 -30.12 10.44 -14.01
C ILE C 24 -30.03 9.22 -14.91
N ASN C 25 -31.01 9.07 -15.80
CA ASN C 25 -31.02 7.96 -16.75
C ASN C 25 -30.41 8.48 -18.03
N THR C 26 -29.19 8.07 -18.34
CA THR C 26 -28.53 8.56 -19.54
C THR C 26 -29.15 8.11 -20.86
N ALA C 27 -30.17 7.26 -20.78
CA ALA C 27 -30.82 6.80 -22.00
C ALA C 27 -31.60 7.97 -22.62
N ASP C 28 -32.26 8.75 -21.75
CA ASP C 28 -33.06 9.89 -22.20
C ASP C 28 -32.82 11.16 -21.38
N ASN C 29 -31.83 11.11 -20.49
CA ASN C 29 -31.50 12.26 -19.65
C ASN C 29 -32.59 12.60 -18.63
N SER C 30 -33.54 11.68 -18.44
CA SER C 30 -34.62 11.90 -17.48
C SER C 30 -34.04 11.87 -16.07
N GLN C 31 -34.76 12.42 -15.11
CA GLN C 31 -34.28 12.45 -13.74
C GLN C 31 -35.37 12.12 -12.72
N VAL C 32 -34.97 11.47 -11.63
CA VAL C 32 -35.89 11.15 -10.55
C VAL C 32 -35.27 11.92 -9.38
N LEU C 33 -36.00 12.90 -8.86
CA LEU C 33 -35.47 13.74 -7.79
C LEU C 33 -36.27 13.77 -6.51
N TYR C 34 -35.56 13.83 -5.38
CA TYR C 34 -36.15 13.91 -4.05
C TYR C 34 -35.18 14.75 -3.23
N ARG C 35 -35.57 15.97 -2.90
CA ARG C 35 -34.72 16.90 -2.14
C ARG C 35 -33.38 17.00 -2.88
N ALA C 36 -33.43 16.90 -4.20
CA ALA C 36 -32.25 16.93 -5.05
C ALA C 36 -31.44 18.23 -5.06
N ASP C 37 -32.06 19.34 -4.68
CA ASP C 37 -31.36 20.62 -4.65
C ASP C 37 -30.93 21.01 -3.24
N GLU C 38 -31.26 20.18 -2.26
CA GLU C 38 -30.88 20.44 -0.88
C GLU C 38 -29.45 20.02 -0.63
N ARG C 39 -28.75 20.73 0.26
CA ARG C 39 -27.37 20.40 0.57
C ARG C 39 -27.28 19.32 1.64
N PHE C 40 -26.29 18.45 1.49
CA PHE C 40 -26.02 17.37 2.44
C PHE C 40 -24.51 17.30 2.57
N ALA C 41 -24.02 16.93 3.75
CA ALA C 41 -22.57 16.79 3.96
C ALA C 41 -22.15 15.61 3.08
N MET C 42 -21.08 15.76 2.32
CA MET C 42 -20.60 14.70 1.42
C MET C 42 -19.86 13.55 2.11
N CYS C 43 -19.29 13.80 3.29
CA CYS C 43 -18.52 12.77 3.99
C CYS C 43 -17.41 12.29 3.01
N SER C 44 -17.16 10.97 2.93
CA SER C 44 -16.12 10.45 2.04
C SER C 44 -16.44 10.53 0.55
N THR C 45 -17.68 10.84 0.18
CA THR C 45 -17.98 10.89 -1.24
C THR C 45 -17.24 12.01 -1.96
N SER C 46 -16.70 12.94 -1.19
CA SER C 46 -15.95 14.05 -1.76
C SER C 46 -14.63 13.54 -2.31
N LYS C 47 -14.25 12.32 -1.94
CA LYS C 47 -13.01 11.72 -2.41
C LYS C 47 -13.00 11.52 -3.93
N VAL C 48 -14.19 11.35 -4.53
CA VAL C 48 -14.27 11.18 -5.98
C VAL C 48 -13.81 12.45 -6.70
N MET C 49 -14.29 13.60 -6.24
CA MET C 49 -13.91 14.87 -6.87
C MET C 49 -12.42 15.13 -6.66
N THR C 50 -11.89 14.66 -5.53
CA THR C 50 -10.47 14.86 -5.22
C THR C 50 -9.60 14.00 -6.13
N ALA C 51 -9.98 12.73 -6.29
CA ALA C 51 -9.23 11.81 -7.14
C ALA C 51 -9.32 12.28 -8.60
N ALA C 52 -10.48 12.80 -8.98
CA ALA C 52 -10.66 13.27 -10.36
C ALA C 52 -9.78 14.48 -10.62
N ALA C 53 -9.61 15.33 -9.62
CA ALA C 53 -8.77 16.51 -9.76
C ALA C 53 -7.34 16.08 -10.09
N VAL C 54 -6.88 15.02 -9.42
CA VAL C 54 -5.54 14.51 -9.68
C VAL C 54 -5.46 13.96 -11.10
N LEU C 55 -6.49 13.23 -11.52
CA LEU C 55 -6.52 12.68 -12.87
C LEU C 55 -6.47 13.79 -13.90
N LYS C 56 -7.19 14.88 -13.64
CA LYS C 56 -7.18 16.02 -14.57
C LYS C 56 -5.75 16.54 -14.72
N GLN C 57 -5.01 16.61 -13.62
CA GLN C 57 -3.63 17.07 -13.68
C GLN C 57 -2.80 16.20 -14.61
N SER C 58 -2.98 14.89 -14.51
CA SER C 58 -2.22 13.94 -15.32
C SER C 58 -2.44 14.10 -16.82
N GLU C 59 -3.44 14.89 -17.18
CA GLU C 59 -3.73 15.13 -18.59
C GLU C 59 -2.69 16.08 -19.17
N THR C 60 -2.13 16.92 -18.31
CA THR C 60 -1.12 17.90 -18.72
C THR C 60 0.28 17.51 -18.27
N HIS C 61 0.41 17.15 -16.99
CA HIS C 61 1.70 16.76 -16.44
C HIS C 61 1.91 15.26 -16.57
N ASP C 62 2.55 14.86 -17.67
CA ASP C 62 2.81 13.46 -17.97
C ASP C 62 3.49 12.69 -16.85
N GLY C 63 2.96 11.52 -16.54
CA GLY C 63 3.53 10.67 -15.51
C GLY C 63 3.35 11.10 -14.07
N ILE C 64 2.59 12.16 -13.83
CA ILE C 64 2.39 12.63 -12.46
C ILE C 64 1.74 11.56 -11.56
N LEU C 65 1.03 10.62 -12.16
CA LEU C 65 0.39 9.56 -11.37
C LEU C 65 1.43 8.66 -10.72
N GLN C 66 2.65 8.65 -11.26
CA GLN C 66 3.72 7.83 -10.71
C GLN C 66 4.56 8.62 -9.71
N GLN C 67 4.22 9.89 -9.53
CA GLN C 67 4.93 10.75 -8.59
C GLN C 67 4.67 10.22 -7.18
N LYS C 68 5.69 10.25 -6.34
CA LYS C 68 5.56 9.71 -4.99
C LYS C 68 5.38 10.69 -3.85
N MET C 69 4.77 10.18 -2.78
CA MET C 69 4.54 10.93 -1.55
C MET C 69 4.93 9.97 -0.43
N THR C 70 5.27 10.52 0.72
CA THR C 70 5.67 9.71 1.87
C THR C 70 4.56 9.63 2.92
N ILE C 71 4.42 8.44 3.50
CA ILE C 71 3.43 8.24 4.54
C ILE C 71 4.21 8.18 5.84
N LYS C 72 4.09 9.23 6.65
CA LYS C 72 4.78 9.25 7.93
C LYS C 72 3.75 8.97 9.01
N LYS C 73 4.22 8.48 10.15
CA LYS C 73 3.32 8.15 11.24
C LYS C 73 2.47 9.35 11.62
N ALA C 74 2.98 10.55 11.34
CA ALA C 74 2.27 11.79 11.65
C ALA C 74 1.12 12.09 10.70
N ASP C 75 1.10 11.42 9.54
CA ASP C 75 0.04 11.64 8.57
C ASP C 75 -1.15 10.73 8.84
N LEU C 76 -0.91 9.66 9.58
CA LEU C 76 -1.98 8.70 9.89
C LEU C 76 -3.18 9.36 10.56
N THR C 77 -4.36 8.85 10.24
CA THR C 77 -5.60 9.38 10.78
C THR C 77 -6.38 8.25 11.46
N ASN C 78 -7.71 8.37 11.50
CA ASN C 78 -8.55 7.37 12.12
C ASN C 78 -8.89 6.20 11.19
N TRP C 79 -8.51 6.31 9.93
CA TRP C 79 -8.79 5.26 8.96
C TRP C 79 -7.67 5.14 7.93
N ASN C 80 -6.81 4.14 8.10
CA ASN C 80 -5.68 3.95 7.21
C ASN C 80 -5.55 2.50 6.74
N PRO C 81 -6.61 1.95 6.13
CA PRO C 81 -6.55 0.56 5.66
C PRO C 81 -5.36 0.25 4.75
N VAL C 82 -5.02 1.17 3.86
CA VAL C 82 -3.90 0.96 2.95
C VAL C 82 -2.63 1.66 3.40
N THR C 83 -2.74 2.94 3.70
CA THR C 83 -1.59 3.75 4.11
C THR C 83 -0.80 3.23 5.32
N GLU C 84 -1.49 2.60 6.28
CA GLU C 84 -0.79 2.08 7.45
C GLU C 84 0.22 1.01 7.04
N LYS C 85 0.04 0.45 5.85
CA LYS C 85 0.95 -0.57 5.35
C LYS C 85 2.18 0.05 4.70
N TYR C 86 2.14 1.37 4.50
CA TYR C 86 3.25 2.08 3.86
C TYR C 86 3.93 3.10 4.76
N VAL C 87 3.61 3.07 6.05
CA VAL C 87 4.21 4.02 6.99
C VAL C 87 5.74 3.94 6.87
N GLY C 88 6.38 5.10 6.72
CA GLY C 88 7.83 5.11 6.58
C GLY C 88 8.26 4.70 5.19
N ASN C 89 7.32 4.74 4.26
CA ASN C 89 7.59 4.36 2.87
C ASN C 89 6.84 5.33 1.96
N THR C 90 6.92 5.11 0.66
CA THR C 90 6.25 5.98 -0.31
C THR C 90 5.13 5.30 -1.08
N MET C 91 4.22 6.12 -1.59
CA MET C 91 3.09 5.66 -2.38
C MET C 91 2.97 6.63 -3.55
N THR C 92 2.57 6.14 -4.72
CA THR C 92 2.41 7.01 -5.88
C THR C 92 1.04 7.66 -5.79
N LEU C 93 0.84 8.74 -6.54
CA LEU C 93 -0.45 9.42 -6.55
C LEU C 93 -1.55 8.46 -7.00
N ALA C 94 -1.19 7.53 -7.89
CA ALA C 94 -2.15 6.56 -8.38
C ALA C 94 -2.57 5.61 -7.26
N GLU C 95 -1.58 5.12 -6.50
CA GLU C 95 -1.84 4.21 -5.39
C GLU C 95 -2.65 4.91 -4.29
N LEU C 96 -2.35 6.18 -4.06
CA LEU C 96 -3.08 6.95 -3.06
C LEU C 96 -4.51 7.15 -3.51
N SER C 97 -4.69 7.40 -4.81
CA SER C 97 -6.03 7.60 -5.36
C SER C 97 -6.83 6.29 -5.25
N ALA C 98 -6.19 5.18 -5.56
CA ALA C 98 -6.85 3.87 -5.48
C ALA C 98 -7.26 3.59 -4.04
N ALA C 99 -6.35 3.88 -3.11
CA ALA C 99 -6.60 3.65 -1.69
C ALA C 99 -7.78 4.45 -1.17
N THR C 100 -7.80 5.75 -1.49
CA THR C 100 -8.87 6.61 -1.02
C THR C 100 -10.23 6.27 -1.62
N LEU C 101 -10.24 5.84 -2.88
CA LEU C 101 -11.51 5.50 -3.54
C LEU C 101 -12.04 4.11 -3.21
N GLN C 102 -11.17 3.12 -3.17
CA GLN C 102 -11.59 1.75 -2.93
C GLN C 102 -11.66 1.27 -1.48
N TYR C 103 -11.02 2.01 -0.57
CA TYR C 103 -11.04 1.68 0.84
C TYR C 103 -11.36 2.90 1.68
N SER C 104 -11.59 4.02 1.01
CA SER C 104 -11.91 5.28 1.67
C SER C 104 -10.82 5.66 2.68
N ASP C 105 -9.57 5.36 2.33
CA ASP C 105 -8.43 5.67 3.19
C ASP C 105 -8.33 7.18 3.39
N ASN C 106 -8.47 7.64 4.63
CA ASN C 106 -8.40 9.07 4.94
C ASN C 106 -7.05 9.70 4.81
N THR C 107 -6.03 8.97 5.20
CA THR C 107 -4.68 9.51 5.11
C THR C 107 -4.37 9.76 3.64
N ALA C 108 -4.78 8.83 2.79
CA ALA C 108 -4.55 8.95 1.35
C ALA C 108 -5.24 10.21 0.84
N MET C 109 -6.46 10.46 1.34
CA MET C 109 -7.21 11.65 0.94
C MET C 109 -6.41 12.90 1.32
N ASN C 110 -5.92 12.95 2.55
CA ASN C 110 -5.15 14.10 2.99
C ASN C 110 -3.87 14.29 2.16
N LYS C 111 -3.25 13.19 1.76
CA LYS C 111 -2.04 13.28 0.95
C LYS C 111 -2.37 13.92 -0.40
N LEU C 112 -3.46 13.48 -1.01
CA LEU C 112 -3.85 14.03 -2.30
C LEU C 112 -4.21 15.50 -2.15
N LEU C 113 -4.91 15.84 -1.08
CA LEU C 113 -5.28 17.23 -0.83
C LEU C 113 -4.02 18.10 -0.68
N ALA C 114 -3.03 17.58 0.02
CA ALA C 114 -1.77 18.29 0.22
C ALA C 114 -1.11 18.51 -1.14
N HIS C 115 -1.08 17.46 -1.95
CA HIS C 115 -0.48 17.53 -3.28
C HIS C 115 -1.19 18.59 -4.13
N LEU C 116 -2.52 18.60 -4.07
CA LEU C 116 -3.31 19.53 -4.86
C LEU C 116 -3.29 20.97 -4.35
N GLY C 117 -2.76 21.18 -3.14
CA GLY C 117 -2.71 22.53 -2.60
C GLY C 117 -3.89 22.91 -1.73
N GLY C 118 -4.66 21.92 -1.28
CA GLY C 118 -5.78 22.22 -0.40
C GLY C 118 -7.18 21.96 -0.95
N PRO C 119 -8.19 21.88 -0.07
CA PRO C 119 -9.60 21.62 -0.40
C PRO C 119 -10.13 22.63 -1.43
N GLY C 120 -9.67 23.88 -1.30
CA GLY C 120 -10.09 24.92 -2.22
C GLY C 120 -9.79 24.59 -3.68
N ASN C 121 -8.67 23.91 -3.92
CA ASN C 121 -8.33 23.56 -5.29
C ASN C 121 -9.20 22.40 -5.79
N VAL C 122 -9.79 21.65 -4.86
CA VAL C 122 -10.68 20.57 -5.28
C VAL C 122 -11.99 21.24 -5.69
N THR C 123 -12.37 22.28 -4.96
CA THR C 123 -13.58 23.02 -5.26
C THR C 123 -13.39 23.68 -6.63
N ALA C 124 -12.20 24.21 -6.87
CA ALA C 124 -11.89 24.85 -8.15
C ALA C 124 -12.06 23.85 -9.30
N PHE C 125 -11.66 22.61 -9.07
CA PHE C 125 -11.81 21.60 -10.13
C PHE C 125 -13.30 21.33 -10.36
N ALA C 126 -14.06 21.24 -9.27
CA ALA C 126 -15.51 21.00 -9.40
C ALA C 126 -16.12 22.09 -10.27
N ARG C 127 -15.74 23.34 -10.01
CA ARG C 127 -16.28 24.43 -10.80
C ARG C 127 -15.81 24.36 -12.25
N SER C 128 -14.63 23.80 -12.47
CA SER C 128 -14.10 23.69 -13.82
C SER C 128 -14.93 22.71 -14.64
N ILE C 129 -15.66 21.81 -13.98
CA ILE C 129 -16.51 20.87 -14.70
C ILE C 129 -17.98 21.29 -14.66
N GLY C 130 -18.22 22.55 -14.27
CA GLY C 130 -19.58 23.08 -14.24
C GLY C 130 -20.38 22.93 -12.95
N ASP C 131 -19.74 22.44 -11.89
CA ASP C 131 -20.43 22.25 -10.61
C ASP C 131 -20.19 23.46 -9.71
N THR C 132 -21.21 24.29 -9.53
CA THR C 132 -21.08 25.48 -8.68
C THR C 132 -21.70 25.27 -7.30
N THR C 133 -22.10 24.03 -7.00
CA THR C 133 -22.71 23.70 -5.73
C THR C 133 -21.69 23.07 -4.77
N PHE C 134 -20.90 22.14 -5.31
CA PHE C 134 -19.87 21.45 -4.55
C PHE C 134 -18.92 22.43 -3.85
N ARG C 135 -18.54 22.08 -2.62
CA ARG C 135 -17.59 22.89 -1.88
C ARG C 135 -16.90 22.04 -0.83
N LEU C 136 -15.58 21.97 -0.91
CA LEU C 136 -14.78 21.22 0.05
C LEU C 136 -14.04 22.32 0.83
N ASP C 137 -14.24 22.34 2.13
CA ASP C 137 -13.66 23.36 2.98
C ASP C 137 -12.59 22.89 3.94
N ARG C 138 -12.67 21.62 4.35
CA ARG C 138 -11.72 21.07 5.30
C ARG C 138 -11.14 19.74 4.83
N LYS C 139 -10.13 19.25 5.56
CA LYS C 139 -9.52 17.97 5.23
C LYS C 139 -9.99 16.93 6.23
N GLU C 140 -9.46 15.72 6.15
CA GLU C 140 -9.81 14.64 7.07
C GLU C 140 -9.21 14.94 8.43
N PRO C 141 -9.95 14.69 9.53
CA PRO C 141 -11.35 14.24 9.51
C PRO C 141 -12.41 15.29 9.76
N GLU C 142 -12.01 16.56 9.88
CA GLU C 142 -12.95 17.64 10.15
C GLU C 142 -14.08 17.80 9.14
N LEU C 143 -13.82 17.47 7.87
CA LEU C 143 -14.85 17.61 6.84
C LEU C 143 -16.04 16.68 7.09
N ASN C 144 -15.95 15.84 8.12
CA ASN C 144 -17.02 14.89 8.43
C ASN C 144 -17.98 15.27 9.56
N THR C 145 -17.90 16.50 10.07
CA THR C 145 -18.77 16.90 11.17
C THR C 145 -20.26 16.89 10.80
N ALA C 146 -20.57 17.12 9.53
CA ALA C 146 -21.94 17.10 9.03
C ALA C 146 -23.00 17.78 9.91
N ILE C 147 -22.65 18.94 10.46
CA ILE C 147 -23.57 19.68 11.33
C ILE C 147 -24.78 20.21 10.55
N PRO C 148 -26.00 19.98 11.07
CA PRO C 148 -27.21 20.47 10.39
C PRO C 148 -27.15 21.98 10.17
N GLY C 149 -27.45 22.41 8.95
CA GLY C 149 -27.43 23.83 8.65
C GLY C 149 -26.07 24.34 8.19
N ASP C 150 -25.03 23.56 8.45
CA ASP C 150 -23.66 23.93 8.07
C ASP C 150 -23.45 23.60 6.59
N GLU C 151 -23.01 24.58 5.80
CA GLU C 151 -22.80 24.34 4.38
C GLU C 151 -21.40 23.90 4.00
N ARG C 152 -20.48 23.91 4.96
CA ARG C 152 -19.12 23.48 4.69
C ARG C 152 -19.09 22.01 4.26
N ASP C 153 -18.29 21.70 3.25
CA ASP C 153 -18.13 20.34 2.76
C ASP C 153 -19.44 19.67 2.37
N THR C 154 -20.28 20.40 1.64
CA THR C 154 -21.57 19.88 1.21
C THR C 154 -21.79 20.09 -0.28
N THR C 155 -22.87 19.48 -0.77
CA THR C 155 -23.31 19.62 -2.14
C THR C 155 -24.71 19.07 -2.19
N SER C 156 -25.32 19.09 -3.37
CA SER C 156 -26.67 18.58 -3.51
C SER C 156 -26.63 17.26 -4.27
N PRO C 157 -27.67 16.43 -4.11
CA PRO C 157 -27.67 15.15 -4.82
C PRO C 157 -27.59 15.35 -6.33
N LEU C 158 -28.36 16.29 -6.86
CA LEU C 158 -28.36 16.53 -8.30
C LEU C 158 -27.04 17.08 -8.81
N ALA C 159 -26.44 18.02 -8.08
CA ALA C 159 -25.15 18.59 -8.49
C ALA C 159 -24.09 17.49 -8.53
N MET C 160 -24.10 16.61 -7.53
CA MET C 160 -23.11 15.54 -7.49
C MET C 160 -23.38 14.49 -8.58
N ALA C 161 -24.66 14.23 -8.86
CA ALA C 161 -25.00 13.26 -9.89
C ALA C 161 -24.53 13.76 -11.25
N LYS C 162 -24.75 15.04 -11.52
CA LYS C 162 -24.33 15.61 -12.80
C LYS C 162 -22.81 15.55 -12.92
N SER C 163 -22.11 15.89 -11.84
CA SER C 163 -20.65 15.86 -11.87
C SER C 163 -20.14 14.43 -12.07
N LEU C 164 -20.73 13.48 -11.36
CA LEU C 164 -20.30 12.09 -11.50
C LEU C 164 -20.51 11.62 -12.94
N ARG C 165 -21.61 12.05 -13.54
CA ARG C 165 -21.90 11.67 -14.92
C ARG C 165 -20.84 12.25 -15.87
N LYS C 166 -20.57 13.54 -15.74
CA LYS C 166 -19.59 14.20 -16.60
C LYS C 166 -18.21 13.58 -16.45
N LEU C 167 -17.87 13.18 -15.23
CA LEU C 167 -16.56 12.59 -14.94
C LEU C 167 -16.39 11.17 -15.45
N THR C 168 -17.42 10.34 -15.31
CA THR C 168 -17.33 8.93 -15.71
C THR C 168 -17.84 8.61 -17.11
N LEU C 169 -18.75 9.41 -17.64
CA LEU C 169 -19.30 9.15 -18.96
C LEU C 169 -19.14 10.33 -19.91
N GLY C 170 -19.11 11.54 -19.36
CA GLY C 170 -18.97 12.74 -20.16
C GLY C 170 -17.54 13.06 -20.58
N ASP C 171 -17.30 14.34 -20.87
CA ASP C 171 -15.98 14.79 -21.32
C ASP C 171 -15.22 15.65 -20.32
N ALA C 172 -15.49 15.49 -19.03
CA ALA C 172 -14.78 16.26 -18.01
C ALA C 172 -13.34 15.78 -17.97
N LEU C 173 -13.13 14.50 -18.27
CA LEU C 173 -11.80 13.91 -18.25
C LEU C 173 -11.48 13.31 -19.62
N ALA C 174 -10.19 13.24 -19.94
CA ALA C 174 -9.75 12.66 -21.20
C ALA C 174 -9.91 11.14 -21.09
N GLY C 175 -9.94 10.47 -22.24
CA GLY C 175 -10.12 9.02 -22.29
C GLY C 175 -9.42 8.14 -21.27
N PRO C 176 -8.07 8.14 -21.25
CA PRO C 176 -7.31 7.32 -20.30
C PRO C 176 -7.69 7.59 -18.84
N GLN C 177 -7.82 8.87 -18.51
CA GLN C 177 -8.17 9.28 -17.14
C GLN C 177 -9.59 8.85 -16.78
N ARG C 178 -10.52 9.01 -17.73
CA ARG C 178 -11.91 8.63 -17.51
C ARG C 178 -12.02 7.12 -17.26
N ALA C 179 -11.28 6.34 -18.04
CA ALA C 179 -11.27 4.89 -17.91
C ALA C 179 -10.73 4.50 -16.53
N GLN C 180 -9.70 5.21 -16.07
CA GLN C 180 -9.11 4.91 -14.77
C GLN C 180 -10.08 5.21 -13.63
N LEU C 181 -10.80 6.33 -13.74
CA LEU C 181 -11.77 6.69 -12.71
C LEU C 181 -12.86 5.62 -12.64
N VAL C 182 -13.33 5.20 -13.79
CA VAL C 182 -14.37 4.18 -13.86
C VAL C 182 -13.89 2.86 -13.24
N ASP C 183 -12.67 2.45 -13.60
CA ASP C 183 -12.11 1.21 -13.07
C ASP C 183 -11.96 1.29 -11.55
N TRP C 184 -11.47 2.42 -11.04
CA TRP C 184 -11.30 2.55 -9.59
C TRP C 184 -12.65 2.44 -8.88
N LEU C 185 -13.66 3.15 -9.39
CA LEU C 185 -14.99 3.11 -8.79
C LEU C 185 -15.57 1.70 -8.78
N LYS C 186 -15.41 0.98 -9.89
CA LYS C 186 -15.92 -0.38 -10.00
C LYS C 186 -15.25 -1.28 -8.97
N GLY C 187 -13.99 -0.97 -8.64
CA GLY C 187 -13.27 -1.76 -7.66
C GLY C 187 -13.47 -1.36 -6.21
N ASN C 188 -14.45 -0.51 -5.93
CA ASN C 188 -14.70 -0.09 -4.55
C ASN C 188 -15.05 -1.31 -3.71
N THR C 189 -14.50 -1.37 -2.50
CA THR C 189 -14.75 -2.51 -1.61
C THR C 189 -15.69 -2.21 -0.45
N THR C 190 -16.12 -0.96 -0.33
CA THR C 190 -16.98 -0.57 0.78
C THR C 190 -18.46 -0.33 0.50
N GLY C 191 -18.92 -0.61 -0.72
CA GLY C 191 -20.32 -0.34 -1.03
C GLY C 191 -21.29 -1.51 -1.04
N GLY C 192 -20.85 -2.67 -0.59
CA GLY C 192 -21.70 -3.86 -0.60
C GLY C 192 -23.06 -3.79 0.04
N GLN C 193 -23.20 -2.98 1.10
CA GLN C 193 -24.48 -2.88 1.79
C GLN C 193 -25.27 -1.61 1.46
N SER C 194 -24.78 -0.83 0.50
CA SER C 194 -25.46 0.39 0.14
C SER C 194 -26.25 0.30 -1.17
N ILE C 195 -25.98 1.20 -2.11
CA ILE C 195 -26.71 1.17 -3.38
C ILE C 195 -26.70 -0.21 -4.03
N ARG C 196 -25.53 -0.85 -4.05
CA ARG C 196 -25.39 -2.17 -4.66
C ARG C 196 -26.39 -3.18 -4.12
N ALA C 197 -26.68 -3.10 -2.83
CA ALA C 197 -27.59 -4.04 -2.20
C ALA C 197 -29.04 -3.91 -2.68
N GLY C 198 -29.37 -2.78 -3.30
CA GLY C 198 -30.73 -2.59 -3.79
C GLY C 198 -30.87 -2.83 -5.27
N LEU C 199 -29.81 -3.32 -5.91
CA LEU C 199 -29.81 -3.56 -7.35
C LEU C 199 -29.63 -5.03 -7.74
N PRO C 200 -30.05 -5.39 -8.96
CA PRO C 200 -29.88 -6.78 -9.40
C PRO C 200 -28.39 -7.07 -9.28
N ALA C 201 -28.05 -8.25 -8.78
CA ALA C 201 -26.65 -8.62 -8.57
C ALA C 201 -25.73 -8.60 -9.79
N HIS C 202 -26.26 -8.83 -10.98
CA HIS C 202 -25.41 -8.84 -12.18
C HIS C 202 -25.18 -7.48 -12.81
N TRP C 203 -25.86 -6.45 -12.31
CA TRP C 203 -25.65 -5.11 -12.84
C TRP C 203 -24.23 -4.69 -12.44
N VAL C 204 -23.54 -3.97 -13.32
CA VAL C 204 -22.19 -3.52 -13.06
C VAL C 204 -22.25 -2.15 -12.39
N VAL C 205 -21.50 -1.98 -11.31
CA VAL C 205 -21.51 -0.73 -10.57
C VAL C 205 -20.16 -0.17 -10.18
N GLY C 206 -20.06 1.14 -10.16
CA GLY C 206 -18.89 1.86 -9.74
C GLY C 206 -19.46 2.83 -8.71
N ASP C 207 -18.89 2.89 -7.52
CA ASP C 207 -19.44 3.81 -6.52
C ASP C 207 -18.46 4.23 -5.44
N LYS C 208 -18.89 5.21 -4.66
CA LYS C 208 -18.11 5.71 -3.54
C LYS C 208 -19.09 6.03 -2.42
N THR C 209 -18.88 5.37 -1.29
CA THR C 209 -19.73 5.56 -0.13
C THR C 209 -19.15 6.60 0.81
N GLY C 210 -19.94 6.93 1.83
CA GLY C 210 -19.53 7.89 2.83
C GLY C 210 -20.34 7.62 4.09
N ALA C 211 -19.72 7.81 5.24
CA ALA C 211 -20.41 7.59 6.51
C ALA C 211 -19.78 8.53 7.52
N CYS C 212 -20.55 9.49 8.03
CA CYS C 212 -19.99 10.40 9.01
C CYS C 212 -20.99 10.81 10.10
N ASP C 213 -20.65 11.85 10.86
CA ASP C 213 -21.51 12.31 11.95
C ASP C 213 -22.98 12.51 11.59
N TYR C 214 -23.82 12.59 12.63
CA TYR C 214 -25.25 12.75 12.46
C TYR C 214 -25.81 11.59 11.64
N GLY C 215 -25.19 10.43 11.82
CA GLY C 215 -25.61 9.23 11.12
C GLY C 215 -25.72 9.44 9.62
N THR C 216 -24.90 10.33 9.10
CA THR C 216 -24.92 10.62 7.67
C THR C 216 -24.39 9.40 6.91
N THR C 217 -25.22 8.89 6.02
CA THR C 217 -24.86 7.71 5.24
C THR C 217 -25.06 8.03 3.77
N ASN C 218 -23.97 8.00 3.01
CA ASN C 218 -24.02 8.35 1.58
C ASN C 218 -23.46 7.31 0.64
N ASP C 219 -23.78 7.49 -0.64
CA ASP C 219 -23.28 6.64 -1.71
C ASP C 219 -23.63 7.29 -3.05
N ILE C 220 -22.66 7.34 -3.96
CA ILE C 220 -22.89 7.90 -5.29
C ILE C 220 -22.37 6.84 -6.25
N ALA C 221 -23.12 6.58 -7.31
CA ALA C 221 -22.71 5.52 -8.22
C ALA C 221 -23.11 5.69 -9.67
N VAL C 222 -22.40 4.97 -10.54
CA VAL C 222 -22.67 4.86 -11.95
C VAL C 222 -23.10 3.44 -12.11
N ILE C 223 -24.27 3.21 -12.71
CA ILE C 223 -24.80 1.86 -12.86
C ILE C 223 -25.09 1.46 -14.31
N TRP C 224 -24.60 0.28 -14.69
CA TRP C 224 -24.83 -0.25 -16.03
C TRP C 224 -25.79 -1.44 -15.92
N PRO C 225 -27.07 -1.23 -16.24
CA PRO C 225 -28.07 -2.30 -16.17
C PRO C 225 -28.02 -3.15 -17.43
N GLU C 226 -27.37 -4.32 -17.32
CA GLU C 226 -27.21 -5.22 -18.45
C GLU C 226 -26.64 -4.43 -19.63
N ASP C 227 -27.27 -4.53 -20.79
CA ASP C 227 -26.78 -3.81 -21.98
C ASP C 227 -27.48 -2.49 -22.25
N ARG C 228 -28.15 -1.95 -21.24
CA ARG C 228 -28.87 -0.67 -21.35
C ARG C 228 -27.97 0.51 -20.97
N ALA C 229 -28.39 1.71 -21.34
CA ALA C 229 -27.64 2.93 -21.03
C ALA C 229 -27.42 3.05 -19.53
N PRO C 230 -26.24 3.54 -19.12
CA PRO C 230 -25.95 3.68 -17.69
C PRO C 230 -26.84 4.67 -16.93
N LEU C 231 -26.90 4.48 -15.62
CA LEU C 231 -27.67 5.34 -14.73
C LEU C 231 -26.68 5.94 -13.74
N VAL C 232 -26.93 7.17 -13.31
CA VAL C 232 -26.06 7.83 -12.34
C VAL C 232 -26.97 8.08 -11.15
N LEU C 233 -26.62 7.52 -10.00
CA LEU C 233 -27.44 7.65 -8.80
C LEU C 233 -26.71 8.16 -7.58
N VAL C 234 -27.31 9.16 -6.94
CA VAL C 234 -26.75 9.72 -5.71
C VAL C 234 -27.79 9.55 -4.61
N THR C 235 -27.40 8.90 -3.51
CA THR C 235 -28.28 8.71 -2.38
C THR C 235 -27.61 9.24 -1.13
N TYR C 236 -28.12 10.35 -0.63
CA TYR C 236 -27.61 11.01 0.54
C TYR C 236 -28.61 10.90 1.69
N PHE C 237 -28.15 10.63 2.90
CA PHE C 237 -29.05 10.49 4.03
C PHE C 237 -28.40 10.99 5.30
N THR C 238 -29.15 11.77 6.09
CA THR C 238 -28.62 12.28 7.34
C THR C 238 -29.72 12.27 8.40
N GLN C 239 -29.32 12.22 9.66
CA GLN C 239 -30.28 12.14 10.76
C GLN C 239 -30.18 13.27 11.79
N PRO C 240 -31.17 13.38 12.69
CA PRO C 240 -31.21 14.44 13.72
C PRO C 240 -30.18 14.34 14.85
N GLN C 241 -29.80 13.12 15.22
CA GLN C 241 -28.85 12.92 16.31
C GLN C 241 -27.39 12.87 15.84
N GLN C 242 -26.54 13.63 16.53
CA GLN C 242 -25.13 13.68 16.18
C GLN C 242 -24.49 12.28 16.24
N ASP C 243 -24.96 11.46 17.15
CA ASP C 243 -24.42 10.12 17.33
C ASP C 243 -25.27 8.99 16.74
N ALA C 244 -26.14 9.33 15.78
CA ALA C 244 -27.00 8.33 15.15
C ALA C 244 -26.18 7.28 14.42
N LYS C 245 -26.70 6.06 14.37
CA LYS C 245 -26.03 4.96 13.67
C LYS C 245 -26.29 5.12 12.18
N TRP C 246 -25.38 4.63 11.36
CA TRP C 246 -25.53 4.73 9.92
C TRP C 246 -26.63 3.80 9.39
N ARG C 247 -27.26 4.20 8.29
CA ARG C 247 -28.35 3.42 7.70
C ARG C 247 -28.09 3.12 6.23
N LYS C 248 -27.15 2.23 5.96
CA LYS C 248 -26.85 1.88 4.57
C LYS C 248 -28.06 1.18 3.96
N ASP C 249 -28.87 0.55 4.80
CA ASP C 249 -30.07 -0.14 4.32
C ASP C 249 -31.05 0.87 3.73
N VAL C 250 -31.01 2.11 4.21
CA VAL C 250 -31.89 3.13 3.67
C VAL C 250 -31.46 3.48 2.26
N LEU C 251 -30.15 3.48 2.01
CA LEU C 251 -29.63 3.77 0.67
C LEU C 251 -29.99 2.65 -0.30
N ALA C 252 -29.91 1.40 0.18
CA ALA C 252 -30.24 0.25 -0.64
C ALA C 252 -31.72 0.31 -1.02
N ALA C 253 -32.56 0.68 -0.05
CA ALA C 253 -34.00 0.77 -0.28
C ALA C 253 -34.32 1.89 -1.28
N ALA C 254 -33.63 3.01 -1.16
CA ALA C 254 -33.86 4.13 -2.06
C ALA C 254 -33.47 3.71 -3.48
N ALA C 255 -32.36 3.00 -3.62
CA ALA C 255 -31.89 2.54 -4.92
C ALA C 255 -32.89 1.55 -5.52
N LYS C 256 -33.37 0.63 -4.69
CA LYS C 256 -34.33 -0.37 -5.15
C LYS C 256 -35.56 0.32 -5.73
N ILE C 257 -36.03 1.37 -5.06
CA ILE C 257 -37.21 2.10 -5.51
C ILE C 257 -37.03 2.83 -6.84
N VAL C 258 -35.98 3.64 -6.95
CA VAL C 258 -35.77 4.42 -8.17
C VAL C 258 -35.21 3.70 -9.40
N THR C 259 -34.54 2.56 -9.22
CA THR C 259 -34.00 1.84 -10.37
C THR C 259 -34.90 0.70 -10.85
N GLU C 260 -35.99 0.44 -10.14
CA GLU C 260 -36.90 -0.63 -10.53
C GLU C 260 -37.35 -0.44 -11.99
N GLY C 261 -37.19 -1.49 -12.79
CA GLY C 261 -37.60 -1.44 -14.18
C GLY C 261 -36.59 -0.92 -15.18
N LYS C 262 -35.45 -0.41 -14.70
CA LYS C 262 -34.44 0.14 -15.59
C LYS C 262 -33.51 -0.90 -16.23
N VAL D 1 0.25 -15.12 -24.04
CA VAL D 1 0.50 -16.55 -23.73
C VAL D 1 0.76 -17.35 -24.99
N GLN D 2 1.76 -18.23 -24.93
CA GLN D 2 2.12 -19.05 -26.08
C GLN D 2 1.01 -20.04 -26.41
N GLN D 3 0.22 -20.41 -25.40
CA GLN D 3 -0.87 -21.34 -25.60
C GLN D 3 -2.01 -20.70 -26.40
N VAL D 4 -2.24 -19.41 -26.17
CA VAL D 4 -3.29 -18.71 -26.89
C VAL D 4 -2.93 -18.70 -28.38
N GLN D 5 -1.67 -18.39 -28.66
CA GLN D 5 -1.19 -18.36 -30.04
C GLN D 5 -1.28 -19.73 -30.69
N LYS D 6 -0.95 -20.78 -29.93
CA LYS D 6 -1.00 -22.13 -30.48
C LYS D 6 -2.43 -22.51 -30.86
N LYS D 7 -3.39 -22.15 -30.00
CA LYS D 7 -4.78 -22.46 -30.27
C LYS D 7 -5.30 -21.69 -31.48
N LEU D 8 -4.86 -20.45 -31.63
CA LEU D 8 -5.29 -19.64 -32.78
C LEU D 8 -4.76 -20.23 -34.07
N ALA D 9 -3.49 -20.62 -34.07
CA ALA D 9 -2.88 -21.20 -35.27
C ALA D 9 -3.63 -22.49 -35.64
N ALA D 10 -3.94 -23.30 -34.63
CA ALA D 10 -4.64 -24.55 -34.84
C ALA D 10 -6.06 -24.31 -35.37
N LEU D 11 -6.70 -23.26 -34.85
CA LEU D 11 -8.06 -22.92 -35.28
C LEU D 11 -8.04 -22.56 -36.76
N GLU D 12 -7.10 -21.71 -37.16
CA GLU D 12 -7.01 -21.30 -38.56
C GLU D 12 -6.72 -22.50 -39.46
N LYS D 13 -5.77 -23.33 -39.05
CA LYS D 13 -5.39 -24.50 -39.84
C LYS D 13 -6.60 -25.39 -40.11
N GLN D 14 -7.37 -25.68 -39.06
CA GLN D 14 -8.55 -26.53 -39.18
C GLN D 14 -9.67 -25.87 -39.98
N SER D 15 -9.74 -24.55 -39.94
CA SER D 15 -10.79 -23.82 -40.65
C SER D 15 -10.60 -23.79 -42.16
N GLY D 16 -9.35 -23.89 -42.62
CA GLY D 16 -9.08 -23.86 -44.04
C GLY D 16 -9.09 -22.46 -44.63
N GLY D 17 -9.19 -21.45 -43.77
CA GLY D 17 -9.20 -20.07 -44.24
C GLY D 17 -8.10 -19.23 -43.63
N ARG D 18 -8.25 -17.91 -43.69
CA ARG D 18 -7.26 -16.97 -43.13
C ARG D 18 -7.93 -16.19 -42.00
N LEU D 19 -7.36 -16.33 -40.80
CA LEU D 19 -7.90 -15.69 -39.60
C LEU D 19 -7.09 -14.48 -39.14
N GLY D 20 -7.79 -13.40 -38.80
CA GLY D 20 -7.16 -12.19 -38.33
C GLY D 20 -7.76 -11.82 -36.99
N VAL D 21 -6.91 -11.71 -35.97
CA VAL D 21 -7.39 -11.37 -34.63
C VAL D 21 -6.60 -10.25 -33.98
N ALA D 22 -7.31 -9.35 -33.31
CA ALA D 22 -6.68 -8.27 -32.59
C ALA D 22 -7.50 -8.02 -31.33
N LEU D 23 -6.89 -8.27 -30.18
CA LEU D 23 -7.55 -8.08 -28.90
C LEU D 23 -6.77 -7.04 -28.09
N ILE D 24 -7.47 -6.03 -27.62
CA ILE D 24 -6.85 -4.99 -26.80
C ILE D 24 -7.50 -5.06 -25.42
N ASN D 25 -6.68 -5.26 -24.39
CA ASN D 25 -7.19 -5.32 -23.03
C ASN D 25 -6.92 -3.94 -22.43
N THR D 26 -7.98 -3.16 -22.23
CA THR D 26 -7.81 -1.81 -21.69
C THR D 26 -7.38 -1.76 -20.23
N ALA D 27 -7.26 -2.92 -19.60
CA ALA D 27 -6.83 -2.97 -18.21
C ALA D 27 -5.36 -2.59 -18.13
N ASP D 28 -4.57 -3.14 -19.05
CA ASP D 28 -3.12 -2.88 -19.08
C ASP D 28 -2.60 -2.57 -20.47
N ASN D 29 -3.50 -2.40 -21.43
CA ASN D 29 -3.14 -2.11 -22.81
C ASN D 29 -2.39 -3.25 -23.50
N SER D 30 -2.46 -4.44 -22.92
CA SER D 30 -1.81 -5.61 -23.50
C SER D 30 -2.62 -6.00 -24.73
N GLN D 31 -1.98 -6.70 -25.68
CA GLN D 31 -2.66 -7.11 -26.91
C GLN D 31 -2.43 -8.57 -27.25
N VAL D 32 -3.39 -9.16 -27.96
CA VAL D 32 -3.27 -10.54 -28.43
C VAL D 32 -3.43 -10.34 -29.94
N LEU D 33 -2.41 -10.68 -30.71
CA LEU D 33 -2.45 -10.46 -32.16
C LEU D 33 -2.20 -11.70 -33.01
N TYR D 34 -2.94 -11.79 -34.11
CA TYR D 34 -2.79 -12.89 -35.06
C TYR D 34 -3.08 -12.29 -36.43
N ARG D 35 -2.04 -12.17 -37.27
CA ARG D 35 -2.17 -11.57 -38.59
C ARG D 35 -2.83 -10.19 -38.43
N ALA D 36 -2.60 -9.58 -37.27
CA ALA D 36 -3.19 -8.28 -36.94
C ALA D 36 -2.83 -7.11 -37.86
N ASP D 37 -1.76 -7.25 -38.64
CA ASP D 37 -1.35 -6.18 -39.55
C ASP D 37 -1.71 -6.48 -41.00
N GLU D 38 -2.33 -7.62 -41.23
CA GLU D 38 -2.73 -8.01 -42.58
C GLU D 38 -4.08 -7.37 -42.93
N ARG D 39 -4.29 -7.07 -44.20
CA ARG D 39 -5.56 -6.48 -44.62
C ARG D 39 -6.62 -7.54 -44.90
N PHE D 40 -7.85 -7.25 -44.47
CA PHE D 40 -9.00 -8.12 -44.68
C PHE D 40 -10.14 -7.23 -45.16
N ALA D 41 -11.02 -7.79 -45.97
CA ALA D 41 -12.18 -7.03 -46.43
C ALA D 41 -13.04 -6.83 -45.18
N MET D 42 -13.43 -5.59 -44.91
CA MET D 42 -14.24 -5.27 -43.74
C MET D 42 -15.71 -5.65 -43.89
N CYS D 43 -16.20 -5.56 -45.12
CA CYS D 43 -17.60 -5.84 -45.44
C CYS D 43 -18.50 -5.01 -44.51
N SER D 44 -19.59 -5.55 -43.95
CA SER D 44 -20.47 -4.68 -43.11
C SER D 44 -19.81 -4.06 -41.91
N THR D 45 -18.64 -4.54 -41.47
CA THR D 45 -18.05 -3.93 -40.29
C THR D 45 -17.59 -2.51 -40.57
N SER D 46 -17.58 -2.13 -41.84
CA SER D 46 -17.17 -0.78 -42.23
C SER D 46 -18.25 0.22 -41.84
N LYS D 47 -19.45 -0.28 -41.53
CA LYS D 47 -20.56 0.57 -41.16
C LYS D 47 -20.33 1.30 -39.83
N VAL D 48 -19.46 0.75 -38.98
CA VAL D 48 -19.17 1.40 -37.70
C VAL D 48 -18.44 2.72 -37.92
N MET D 49 -17.39 2.69 -38.73
CA MET D 49 -16.63 3.91 -39.01
C MET D 49 -17.54 4.91 -39.72
N THR D 50 -18.39 4.41 -40.61
CA THR D 50 -19.31 5.25 -41.36
C THR D 50 -20.31 5.93 -40.42
N ALA D 51 -20.91 5.17 -39.52
CA ALA D 51 -21.87 5.73 -38.59
C ALA D 51 -21.19 6.75 -37.68
N ALA D 52 -19.96 6.44 -37.29
CA ALA D 52 -19.19 7.33 -36.42
C ALA D 52 -18.88 8.65 -37.12
N ALA D 53 -18.72 8.62 -38.44
CA ALA D 53 -18.43 9.84 -39.18
C ALA D 53 -19.65 10.75 -39.07
N VAL D 54 -20.84 10.16 -39.16
CA VAL D 54 -22.08 10.91 -39.06
C VAL D 54 -22.21 11.50 -37.65
N LEU D 55 -21.91 10.67 -36.64
CA LEU D 55 -21.98 11.13 -35.25
C LEU D 55 -21.01 12.29 -35.02
N LYS D 56 -19.83 12.22 -35.62
CA LYS D 56 -18.86 13.29 -35.47
C LYS D 56 -19.47 14.62 -35.91
N GLN D 57 -20.16 14.62 -37.05
CA GLN D 57 -20.79 15.84 -37.54
C GLN D 57 -21.77 16.43 -36.53
N SER D 58 -22.54 15.57 -35.86
CA SER D 58 -23.53 16.02 -34.89
C SER D 58 -22.91 16.75 -33.71
N GLU D 59 -21.59 16.67 -33.60
CA GLU D 59 -20.89 17.36 -32.51
C GLU D 59 -20.90 18.87 -32.77
N THR D 60 -20.91 19.25 -34.04
CA THR D 60 -20.90 20.66 -34.41
C THR D 60 -22.20 21.10 -35.10
N HIS D 61 -22.86 20.18 -35.79
CA HIS D 61 -24.11 20.49 -36.48
C HIS D 61 -25.29 20.01 -35.63
N ASP D 62 -25.72 20.86 -34.70
CA ASP D 62 -26.81 20.54 -33.81
C ASP D 62 -28.06 20.01 -34.53
N GLY D 63 -28.59 18.89 -34.04
CA GLY D 63 -29.79 18.30 -34.61
C GLY D 63 -29.66 17.66 -35.98
N ILE D 64 -28.44 17.45 -36.43
CA ILE D 64 -28.22 16.84 -37.74
C ILE D 64 -28.73 15.40 -37.76
N LEU D 65 -28.72 14.73 -36.61
CA LEU D 65 -29.20 13.34 -36.55
C LEU D 65 -30.69 13.22 -36.83
N GLN D 66 -31.42 14.32 -36.70
CA GLN D 66 -32.85 14.31 -36.97
C GLN D 66 -33.16 14.76 -38.39
N GLN D 67 -32.12 15.02 -39.17
CA GLN D 67 -32.28 15.42 -40.56
C GLN D 67 -32.89 14.20 -41.26
N LYS D 68 -33.80 14.44 -42.20
CA LYS D 68 -34.47 13.34 -42.89
C LYS D 68 -34.01 13.09 -44.33
N MET D 69 -34.19 11.85 -44.77
CA MET D 69 -33.86 11.45 -46.13
C MET D 69 -35.00 10.58 -46.64
N THR D 70 -35.44 10.86 -47.86
CA THR D 70 -36.54 10.10 -48.46
C THR D 70 -36.05 8.74 -48.96
N ILE D 71 -36.86 7.71 -48.70
CA ILE D 71 -36.52 6.36 -49.13
C ILE D 71 -37.38 6.01 -50.34
N LYS D 72 -36.74 5.90 -51.50
CA LYS D 72 -37.43 5.56 -52.74
C LYS D 72 -37.32 4.05 -52.98
N LYS D 73 -38.33 3.47 -53.61
CA LYS D 73 -38.32 2.04 -53.89
C LYS D 73 -37.09 1.74 -54.74
N ALA D 74 -36.70 2.70 -55.57
CA ALA D 74 -35.53 2.55 -56.43
C ALA D 74 -34.23 2.52 -55.65
N ASP D 75 -34.25 2.98 -54.40
CA ASP D 75 -33.04 2.99 -53.57
C ASP D 75 -32.69 1.63 -52.99
N LEU D 76 -33.69 0.75 -52.91
CA LEU D 76 -33.48 -0.57 -52.32
C LEU D 76 -32.37 -1.36 -52.99
N THR D 77 -31.66 -2.14 -52.18
CA THR D 77 -30.55 -2.96 -52.65
C THR D 77 -30.87 -4.44 -52.49
N ASN D 78 -29.85 -5.21 -52.13
CA ASN D 78 -29.98 -6.65 -51.96
C ASN D 78 -30.36 -7.04 -50.53
N TRP D 79 -30.19 -6.11 -49.60
CA TRP D 79 -30.49 -6.37 -48.19
C TRP D 79 -31.10 -5.11 -47.57
N ASN D 80 -32.41 -5.09 -47.39
CA ASN D 80 -33.09 -3.92 -46.84
C ASN D 80 -34.10 -4.27 -45.74
N PRO D 81 -33.64 -4.95 -44.68
CA PRO D 81 -34.52 -5.36 -43.58
C PRO D 81 -35.40 -4.25 -42.98
N VAL D 82 -34.82 -3.06 -42.82
CA VAL D 82 -35.57 -1.94 -42.27
C VAL D 82 -36.11 -0.98 -43.32
N THR D 83 -35.22 -0.50 -44.18
CA THR D 83 -35.59 0.44 -45.23
C THR D 83 -36.75 0.03 -46.14
N GLU D 84 -36.88 -1.27 -46.43
CA GLU D 84 -37.97 -1.70 -47.31
C GLU D 84 -39.31 -1.37 -46.68
N LYS D 85 -39.34 -1.26 -45.36
CA LYS D 85 -40.59 -0.94 -44.65
C LYS D 85 -40.89 0.56 -44.74
N TYR D 86 -39.87 1.35 -45.05
CA TYR D 86 -40.04 2.80 -45.14
C TYR D 86 -40.05 3.37 -46.56
N VAL D 87 -40.32 2.52 -47.55
CA VAL D 87 -40.38 3.00 -48.92
C VAL D 87 -41.49 4.04 -49.03
N GLY D 88 -41.22 5.13 -49.74
CA GLY D 88 -42.21 6.17 -49.90
C GLY D 88 -42.35 7.03 -48.66
N ASN D 89 -41.45 6.82 -47.70
CA ASN D 89 -41.47 7.57 -46.45
C ASN D 89 -40.08 8.14 -46.24
N THR D 90 -39.84 8.70 -45.07
CA THR D 90 -38.53 9.26 -44.74
C THR D 90 -37.99 8.63 -43.47
N MET D 91 -36.67 8.73 -43.30
CA MET D 91 -35.99 8.20 -42.12
C MET D 91 -34.93 9.24 -41.73
N THR D 92 -34.77 9.48 -40.44
CA THR D 92 -33.78 10.44 -39.98
C THR D 92 -32.41 9.75 -40.04
N LEU D 93 -31.35 10.54 -39.96
CA LEU D 93 -30.00 9.97 -39.99
C LEU D 93 -29.79 9.03 -38.80
N ALA D 94 -30.44 9.32 -37.68
CA ALA D 94 -30.34 8.49 -36.49
C ALA D 94 -30.97 7.13 -36.76
N GLU D 95 -32.14 7.16 -37.39
CA GLU D 95 -32.85 5.93 -37.73
C GLU D 95 -32.09 5.13 -38.77
N LEU D 96 -31.48 5.82 -39.73
CA LEU D 96 -30.71 5.14 -40.76
C LEU D 96 -29.45 4.53 -40.14
N SER D 97 -28.87 5.22 -39.16
CA SER D 97 -27.68 4.71 -38.50
C SER D 97 -27.98 3.46 -37.69
N ALA D 98 -29.10 3.49 -36.97
CA ALA D 98 -29.50 2.34 -36.15
C ALA D 98 -29.79 1.14 -37.05
N ALA D 99 -30.46 1.39 -38.17
CA ALA D 99 -30.79 0.32 -39.11
C ALA D 99 -29.52 -0.27 -39.71
N THR D 100 -28.58 0.61 -40.05
CA THR D 100 -27.31 0.19 -40.64
C THR D 100 -26.51 -0.68 -39.66
N LEU D 101 -26.39 -0.22 -38.44
CA LEU D 101 -25.63 -0.93 -37.42
C LEU D 101 -26.29 -2.15 -36.79
N GLN D 102 -27.60 -2.08 -36.54
CA GLN D 102 -28.28 -3.18 -35.87
C GLN D 102 -28.89 -4.27 -36.73
N TYR D 103 -29.16 -3.97 -38.00
CA TYR D 103 -29.71 -4.97 -38.92
C TYR D 103 -28.85 -5.08 -40.18
N SER D 104 -27.78 -4.27 -40.22
CA SER D 104 -26.85 -4.25 -41.35
C SER D 104 -27.55 -3.93 -42.66
N ASP D 105 -28.53 -3.02 -42.59
CA ASP D 105 -29.31 -2.61 -43.75
C ASP D 105 -28.42 -1.89 -44.77
N ASN D 106 -28.34 -2.45 -45.97
CA ASN D 106 -27.50 -1.86 -47.02
C ASN D 106 -27.99 -0.55 -47.60
N THR D 107 -29.31 -0.41 -47.73
CA THR D 107 -29.85 0.82 -48.27
C THR D 107 -29.59 1.94 -47.28
N ALA D 108 -29.75 1.64 -46.00
CA ALA D 108 -29.50 2.63 -44.95
C ALA D 108 -28.03 3.08 -45.04
N MET D 109 -27.13 2.11 -45.23
CA MET D 109 -25.70 2.40 -45.36
C MET D 109 -25.46 3.35 -46.53
N ASN D 110 -26.08 3.07 -47.67
CA ASN D 110 -25.91 3.94 -48.84
C ASN D 110 -26.46 5.34 -48.58
N LYS D 111 -27.50 5.46 -47.76
CA LYS D 111 -28.05 6.77 -47.46
C LYS D 111 -27.04 7.56 -46.63
N LEU D 112 -26.38 6.88 -45.69
CA LEU D 112 -25.38 7.54 -44.87
C LEU D 112 -24.20 7.97 -45.74
N LEU D 113 -23.79 7.12 -46.67
CA LEU D 113 -22.66 7.45 -47.55
C LEU D 113 -23.02 8.66 -48.41
N ALA D 114 -24.24 8.66 -48.95
CA ALA D 114 -24.70 9.77 -49.78
C ALA D 114 -24.71 11.06 -48.97
N HIS D 115 -25.13 10.97 -47.71
CA HIS D 115 -25.15 12.14 -46.84
C HIS D 115 -23.74 12.68 -46.62
N LEU D 116 -22.80 11.77 -46.37
CA LEU D 116 -21.42 12.13 -46.12
C LEU D 116 -20.65 12.57 -47.37
N GLY D 117 -21.19 12.26 -48.54
CA GLY D 117 -20.52 12.64 -49.77
C GLY D 117 -19.71 11.53 -50.40
N GLY D 118 -19.89 10.30 -49.91
CA GLY D 118 -19.16 9.18 -50.49
C GLY D 118 -18.18 8.47 -49.57
N PRO D 119 -17.76 7.25 -49.95
CA PRO D 119 -16.83 6.42 -49.18
C PRO D 119 -15.57 7.19 -48.82
N GLY D 120 -15.09 8.00 -49.75
CA GLY D 120 -13.88 8.78 -49.51
C GLY D 120 -13.95 9.66 -48.28
N ASN D 121 -15.14 10.11 -47.92
CA ASN D 121 -15.31 10.94 -46.74
C ASN D 121 -15.20 10.11 -45.47
N VAL D 122 -15.47 8.81 -45.58
CA VAL D 122 -15.36 7.94 -44.42
C VAL D 122 -13.87 7.69 -44.22
N THR D 123 -13.14 7.52 -45.32
CA THR D 123 -11.69 7.31 -45.22
C THR D 123 -11.09 8.54 -44.57
N ALA D 124 -11.57 9.71 -44.97
CA ALA D 124 -11.07 10.98 -44.43
C ALA D 124 -11.30 11.05 -42.93
N PHE D 125 -12.48 10.63 -42.47
CA PHE D 125 -12.77 10.66 -41.04
C PHE D 125 -11.80 9.73 -40.33
N ALA D 126 -11.57 8.56 -40.92
CA ALA D 126 -10.66 7.59 -40.33
C ALA D 126 -9.28 8.21 -40.10
N ARG D 127 -8.77 8.91 -41.10
CA ARG D 127 -7.46 9.54 -40.98
C ARG D 127 -7.49 10.62 -39.90
N SER D 128 -8.61 11.31 -39.75
CA SER D 128 -8.71 12.37 -38.76
C SER D 128 -8.56 11.83 -37.33
N ILE D 129 -8.91 10.56 -37.13
CA ILE D 129 -8.76 9.98 -35.79
C ILE D 129 -7.48 9.18 -35.64
N GLY D 130 -6.59 9.30 -36.62
CA GLY D 130 -5.31 8.61 -36.56
C GLY D 130 -5.25 7.21 -37.16
N ASP D 131 -6.28 6.81 -37.90
CA ASP D 131 -6.30 5.50 -38.53
C ASP D 131 -5.81 5.66 -39.96
N THR D 132 -4.59 5.19 -40.23
CA THR D 132 -4.01 5.32 -41.56
C THR D 132 -4.12 4.05 -42.40
N THR D 133 -4.80 3.03 -41.87
CA THR D 133 -4.97 1.76 -42.57
C THR D 133 -6.33 1.64 -43.24
N PHE D 134 -7.37 1.98 -42.50
CA PHE D 134 -8.75 1.92 -42.98
C PHE D 134 -8.95 2.65 -44.30
N ARG D 135 -9.73 2.05 -45.20
CA ARG D 135 -10.07 2.67 -46.46
C ARG D 135 -11.40 2.15 -46.96
N LEU D 136 -12.30 3.07 -47.28
CA LEU D 136 -13.61 2.71 -47.83
C LEU D 136 -13.57 3.23 -49.26
N ASP D 137 -13.89 2.36 -50.21
CA ASP D 137 -13.80 2.73 -51.62
C ASP D 137 -15.07 2.66 -52.45
N ARG D 138 -15.99 1.79 -52.06
CA ARG D 138 -17.22 1.62 -52.82
C ARG D 138 -18.45 1.69 -51.92
N LYS D 139 -19.63 1.74 -52.53
CA LYS D 139 -20.88 1.77 -51.77
C LYS D 139 -21.44 0.36 -51.75
N GLU D 140 -22.64 0.20 -51.19
CA GLU D 140 -23.28 -1.11 -51.14
C GLU D 140 -23.96 -1.39 -52.47
N PRO D 141 -23.91 -2.64 -52.95
CA PRO D 141 -23.34 -3.79 -52.24
C PRO D 141 -21.92 -4.16 -52.71
N GLU D 142 -21.36 -3.38 -53.64
CA GLU D 142 -20.03 -3.65 -54.18
C GLU D 142 -18.88 -3.73 -53.18
N LEU D 143 -18.99 -3.02 -52.06
CA LEU D 143 -17.91 -3.05 -51.08
C LEU D 143 -17.77 -4.40 -50.40
N ASN D 144 -18.65 -5.33 -50.72
CA ASN D 144 -18.60 -6.66 -50.12
C ASN D 144 -17.99 -7.76 -50.99
N THR D 145 -17.39 -7.40 -52.12
CA THR D 145 -16.80 -8.42 -52.99
C THR D 145 -15.73 -9.26 -52.30
N ALA D 146 -14.99 -8.64 -51.38
CA ALA D 146 -13.95 -9.33 -50.60
C ALA D 146 -12.99 -10.18 -51.42
N ILE D 147 -12.60 -9.68 -52.58
CA ILE D 147 -11.68 -10.41 -53.47
C ILE D 147 -10.26 -10.52 -52.89
N PRO D 148 -9.71 -11.74 -52.84
CA PRO D 148 -8.37 -11.94 -52.31
C PRO D 148 -7.35 -11.05 -53.05
N GLY D 149 -6.51 -10.34 -52.31
CA GLY D 149 -5.53 -9.49 -52.93
C GLY D 149 -6.00 -8.07 -53.24
N ASP D 150 -7.30 -7.85 -53.15
CA ASP D 150 -7.89 -6.53 -53.41
C ASP D 150 -7.80 -5.71 -52.13
N GLU D 151 -7.25 -4.50 -52.21
CA GLU D 151 -7.13 -3.66 -51.02
C GLU D 151 -8.34 -2.75 -50.79
N ARG D 152 -9.24 -2.68 -51.78
CA ARG D 152 -10.42 -1.85 -51.63
C ARG D 152 -11.28 -2.29 -50.45
N ASP D 153 -11.77 -1.32 -49.68
CA ASP D 153 -12.64 -1.60 -48.55
C ASP D 153 -12.05 -2.59 -47.55
N THR D 154 -10.79 -2.36 -47.19
CA THR D 154 -10.10 -3.24 -46.24
C THR D 154 -9.48 -2.43 -45.12
N THR D 155 -9.02 -3.15 -44.10
CA THR D 155 -8.32 -2.56 -42.97
C THR D 155 -7.67 -3.74 -42.27
N SER D 156 -6.90 -3.48 -41.22
CA SER D 156 -6.25 -4.58 -40.50
C SER D 156 -6.96 -4.80 -39.18
N PRO D 157 -6.85 -6.00 -38.61
CA PRO D 157 -7.51 -6.25 -37.33
C PRO D 157 -7.09 -5.24 -36.26
N LEU D 158 -5.79 -4.98 -36.15
CA LEU D 158 -5.29 -4.04 -35.14
C LEU D 158 -5.71 -2.60 -35.38
N ALA D 159 -5.72 -2.16 -36.64
CA ALA D 159 -6.14 -0.79 -36.94
C ALA D 159 -7.60 -0.60 -36.55
N MET D 160 -8.44 -1.58 -36.89
CA MET D 160 -9.87 -1.49 -36.56
C MET D 160 -10.09 -1.57 -35.05
N ALA D 161 -9.29 -2.39 -34.37
CA ALA D 161 -9.43 -2.51 -32.92
C ALA D 161 -9.06 -1.18 -32.27
N LYS D 162 -7.97 -0.57 -32.72
CA LYS D 162 -7.57 0.71 -32.16
C LYS D 162 -8.61 1.80 -32.41
N SER D 163 -9.16 1.82 -33.63
CA SER D 163 -10.17 2.82 -33.96
C SER D 163 -11.47 2.57 -33.18
N LEU D 164 -11.84 1.31 -33.03
CA LEU D 164 -13.05 1.00 -32.30
C LEU D 164 -12.90 1.46 -30.85
N ARG D 165 -11.70 1.32 -30.30
CA ARG D 165 -11.44 1.75 -28.94
C ARG D 165 -11.54 3.27 -28.84
N LYS D 166 -10.89 3.98 -29.76
CA LYS D 166 -10.90 5.43 -29.77
C LYS D 166 -12.33 5.97 -29.85
N LEU D 167 -13.14 5.33 -30.70
CA LEU D 167 -14.52 5.74 -30.92
C LEU D 167 -15.50 5.46 -29.77
N THR D 168 -15.37 4.30 -29.15
CA THR D 168 -16.28 3.91 -28.08
C THR D 168 -15.82 4.24 -26.66
N LEU D 169 -14.51 4.24 -26.44
CA LEU D 169 -13.97 4.51 -25.11
C LEU D 169 -13.01 5.69 -25.03
N GLY D 170 -12.48 6.09 -26.18
CA GLY D 170 -11.54 7.19 -26.21
C GLY D 170 -12.17 8.56 -26.39
N ASP D 171 -11.47 9.46 -27.07
CA ASP D 171 -11.97 10.81 -27.27
C ASP D 171 -12.23 11.16 -28.74
N ALA D 172 -12.24 10.15 -29.62
CA ALA D 172 -12.49 10.37 -31.04
C ALA D 172 -13.87 11.00 -31.25
N LEU D 173 -14.81 10.66 -30.37
CA LEU D 173 -16.16 11.21 -30.43
C LEU D 173 -16.44 11.87 -29.08
N ALA D 174 -17.25 12.92 -29.08
CA ALA D 174 -17.59 13.59 -27.83
C ALA D 174 -18.52 12.70 -27.01
N GLY D 175 -18.73 13.06 -25.74
CA GLY D 175 -19.56 12.29 -24.85
C GLY D 175 -20.89 11.76 -25.38
N PRO D 176 -21.82 12.64 -25.76
CA PRO D 176 -23.13 12.22 -26.29
C PRO D 176 -23.02 11.28 -27.48
N GLN D 177 -22.10 11.58 -28.38
CA GLN D 177 -21.89 10.76 -29.57
C GLN D 177 -21.32 9.40 -29.21
N ARG D 178 -20.33 9.39 -28.32
CA ARG D 178 -19.70 8.17 -27.84
C ARG D 178 -20.76 7.25 -27.23
N ALA D 179 -21.64 7.84 -26.43
CA ALA D 179 -22.72 7.11 -25.76
C ALA D 179 -23.69 6.49 -26.77
N GLN D 180 -24.03 7.24 -27.81
CA GLN D 180 -24.95 6.76 -28.83
C GLN D 180 -24.35 5.61 -29.63
N LEU D 181 -23.07 5.72 -29.97
CA LEU D 181 -22.42 4.64 -30.72
C LEU D 181 -22.39 3.37 -29.88
N VAL D 182 -22.02 3.50 -28.61
CA VAL D 182 -21.98 2.36 -27.71
C VAL D 182 -23.36 1.72 -27.59
N ASP D 183 -24.39 2.56 -27.43
CA ASP D 183 -25.76 2.06 -27.31
C ASP D 183 -26.18 1.31 -28.57
N TRP D 184 -25.90 1.89 -29.73
CA TRP D 184 -26.25 1.23 -30.99
C TRP D 184 -25.55 -0.12 -31.12
N LEU D 185 -24.27 -0.18 -30.77
CA LEU D 185 -23.51 -1.42 -30.88
C LEU D 185 -24.08 -2.50 -29.95
N LYS D 186 -24.46 -2.10 -28.74
CA LYS D 186 -25.02 -3.05 -27.78
C LYS D 186 -26.36 -3.58 -28.29
N GLY D 187 -27.01 -2.80 -29.14
CA GLY D 187 -28.31 -3.20 -29.68
C GLY D 187 -28.27 -3.97 -30.98
N ASN D 188 -27.07 -4.43 -31.38
CA ASN D 188 -26.95 -5.19 -32.61
C ASN D 188 -27.74 -6.48 -32.50
N THR D 189 -28.44 -6.85 -33.56
CA THR D 189 -29.26 -8.07 -33.53
C THR D 189 -28.65 -9.23 -34.34
N THR D 190 -27.52 -9.00 -34.99
CA THR D 190 -26.91 -10.03 -35.82
C THR D 190 -25.67 -10.76 -35.31
N GLY D 191 -25.23 -10.49 -34.09
CA GLY D 191 -24.03 -11.13 -33.60
C GLY D 191 -24.16 -12.29 -32.63
N GLY D 192 -25.39 -12.79 -32.45
CA GLY D 192 -25.62 -13.88 -31.51
C GLY D 192 -24.77 -15.14 -31.69
N GLN D 193 -24.37 -15.44 -32.92
CA GLN D 193 -23.58 -16.64 -33.20
C GLN D 193 -22.09 -16.37 -33.43
N SER D 194 -21.68 -15.11 -33.28
CA SER D 194 -20.28 -14.76 -33.51
C SER D 194 -19.51 -14.57 -32.21
N ILE D 195 -18.85 -13.42 -32.05
CA ILE D 195 -18.06 -13.18 -30.83
C ILE D 195 -18.86 -13.45 -29.55
N ARG D 196 -20.09 -12.95 -29.49
CA ARG D 196 -20.92 -13.16 -28.31
C ARG D 196 -21.04 -14.62 -27.92
N ALA D 197 -21.10 -15.51 -28.91
CA ALA D 197 -21.24 -16.94 -28.67
C ALA D 197 -20.05 -17.59 -27.98
N GLY D 198 -18.92 -16.91 -27.95
CA GLY D 198 -17.75 -17.48 -27.30
C GLY D 198 -17.46 -16.88 -25.94
N LEU D 199 -18.44 -16.12 -25.41
CA LEU D 199 -18.27 -15.46 -24.11
C LEU D 199 -19.34 -15.86 -23.10
N PRO D 200 -19.05 -15.68 -21.81
CA PRO D 200 -20.05 -16.03 -20.80
C PRO D 200 -21.28 -15.21 -21.14
N ALA D 201 -22.46 -15.83 -21.05
CA ALA D 201 -23.71 -15.18 -21.39
C ALA D 201 -24.02 -13.83 -20.74
N HIS D 202 -23.55 -13.62 -19.52
CA HIS D 202 -23.86 -12.35 -18.83
C HIS D 202 -22.90 -11.19 -19.11
N TRP D 203 -21.83 -11.44 -19.85
CA TRP D 203 -20.91 -10.37 -20.19
C TRP D 203 -21.66 -9.42 -21.13
N VAL D 204 -21.38 -8.12 -21.03
CA VAL D 204 -22.04 -7.13 -21.87
C VAL D 204 -21.23 -6.86 -23.12
N VAL D 205 -21.90 -6.85 -24.27
CA VAL D 205 -21.21 -6.66 -25.54
C VAL D 205 -21.89 -5.72 -26.54
N GLY D 206 -21.08 -4.97 -27.24
CA GLY D 206 -21.51 -4.10 -28.32
C GLY D 206 -20.71 -4.59 -29.52
N ASP D 207 -21.35 -4.85 -30.65
CA ASP D 207 -20.60 -5.34 -31.82
C ASP D 207 -21.26 -5.08 -33.16
N LYS D 208 -20.50 -5.34 -34.22
CA LYS D 208 -20.98 -5.22 -35.59
C LYS D 208 -20.35 -6.33 -36.40
N THR D 209 -21.21 -7.17 -36.97
CA THR D 209 -20.78 -8.30 -37.77
C THR D 209 -20.68 -7.96 -39.24
N GLY D 210 -20.15 -8.93 -40.00
CA GLY D 210 -20.02 -8.79 -41.43
C GLY D 210 -20.09 -10.18 -42.02
N ALA D 211 -20.72 -10.31 -43.18
CA ALA D 211 -20.84 -11.60 -43.86
C ALA D 211 -20.91 -11.29 -45.35
N CYS D 212 -19.89 -11.73 -46.09
CA CYS D 212 -19.84 -11.45 -47.52
C CYS D 212 -19.15 -12.55 -48.31
N ASP D 213 -18.87 -12.27 -49.58
CA ASP D 213 -18.24 -13.23 -50.47
C ASP D 213 -16.94 -13.84 -49.94
N TYR D 214 -16.56 -14.97 -50.53
CA TYR D 214 -15.37 -15.70 -50.13
C TYR D 214 -15.52 -16.16 -48.69
N GLY D 215 -16.76 -16.46 -48.31
CA GLY D 215 -17.06 -16.93 -46.96
C GLY D 215 -16.48 -16.04 -45.88
N THR D 216 -16.33 -14.75 -46.21
CA THR D 216 -15.79 -13.79 -45.26
C THR D 216 -16.77 -13.57 -44.12
N THR D 217 -16.32 -13.87 -42.91
CA THR D 217 -17.14 -13.75 -41.72
C THR D 217 -16.39 -12.89 -40.71
N ASN D 218 -16.93 -11.71 -40.41
CA ASN D 218 -16.29 -10.77 -39.49
C ASN D 218 -17.15 -10.34 -38.32
N ASP D 219 -16.50 -9.72 -37.34
CA ASP D 219 -17.16 -9.20 -36.15
C ASP D 219 -16.16 -8.37 -35.36
N ILE D 220 -16.57 -7.18 -34.96
CA ILE D 220 -15.71 -6.32 -34.17
C ILE D 220 -16.55 -5.94 -32.96
N ALA D 221 -15.94 -5.90 -31.78
CA ALA D 221 -16.72 -5.60 -30.60
C ALA D 221 -15.97 -5.04 -29.41
N VAL D 222 -16.71 -4.52 -28.48
CA VAL D 222 -16.20 -3.99 -27.23
C VAL D 222 -16.89 -4.89 -26.22
N ILE D 223 -16.10 -5.47 -25.34
CA ILE D 223 -16.62 -6.41 -24.34
C ILE D 223 -16.37 -5.96 -22.92
N TRP D 224 -17.41 -6.02 -22.09
CA TRP D 224 -17.31 -5.64 -20.69
C TRP D 224 -17.50 -6.91 -19.88
N PRO D 225 -16.38 -7.54 -19.46
CA PRO D 225 -16.45 -8.78 -18.67
C PRO D 225 -16.75 -8.45 -17.21
N GLU D 226 -18.01 -8.59 -16.83
CA GLU D 226 -18.46 -8.29 -15.47
C GLU D 226 -18.01 -6.87 -15.10
N ASP D 227 -17.34 -6.71 -13.97
CA ASP D 227 -16.88 -5.38 -13.57
C ASP D 227 -15.41 -5.07 -13.89
N ARG D 228 -14.84 -5.83 -14.83
CA ARG D 228 -13.44 -5.63 -15.23
C ARG D 228 -13.33 -4.67 -16.41
N ALA D 229 -12.12 -4.17 -16.65
CA ALA D 229 -11.89 -3.23 -17.75
C ALA D 229 -12.32 -3.83 -19.09
N PRO D 230 -12.95 -3.03 -19.96
CA PRO D 230 -13.40 -3.54 -21.26
C PRO D 230 -12.30 -4.07 -22.18
N LEU D 231 -12.70 -4.99 -23.04
CA LEU D 231 -11.81 -5.59 -24.03
C LEU D 231 -12.34 -5.18 -25.40
N VAL D 232 -11.43 -4.85 -26.32
CA VAL D 232 -11.82 -4.48 -27.67
C VAL D 232 -11.30 -5.63 -28.54
N LEU D 233 -12.21 -6.29 -29.24
CA LEU D 233 -11.84 -7.43 -30.06
C LEU D 233 -12.30 -7.38 -31.51
N VAL D 234 -11.38 -7.69 -32.41
CA VAL D 234 -11.69 -7.74 -33.84
C VAL D 234 -11.33 -9.14 -34.33
N THR D 235 -12.31 -9.83 -34.91
CA THR D 235 -12.07 -11.16 -35.46
C THR D 235 -12.53 -11.17 -36.91
N TYR D 236 -11.57 -11.26 -37.81
CA TYR D 236 -11.80 -11.25 -39.23
C TYR D 236 -11.47 -12.63 -39.79
N PHE D 237 -12.26 -13.14 -40.73
CA PHE D 237 -12.00 -14.46 -41.30
C PHE D 237 -12.47 -14.52 -42.75
N THR D 238 -11.62 -15.05 -43.62
CA THR D 238 -11.98 -15.15 -45.03
C THR D 238 -11.50 -16.50 -45.58
N GLN D 239 -12.11 -16.95 -46.67
CA GLN D 239 -11.77 -18.25 -47.24
C GLN D 239 -11.35 -18.20 -48.72
N PRO D 240 -10.78 -19.29 -49.24
CA PRO D 240 -10.31 -19.38 -50.63
C PRO D 240 -11.38 -19.41 -51.71
N GLN D 241 -12.54 -19.97 -51.39
CA GLN D 241 -13.63 -20.10 -52.35
C GLN D 241 -14.61 -18.93 -52.28
N GLN D 242 -14.92 -18.34 -53.43
CA GLN D 242 -15.85 -17.21 -53.49
C GLN D 242 -17.21 -17.57 -52.90
N ASP D 243 -17.65 -18.80 -53.13
CA ASP D 243 -18.94 -19.28 -52.65
C ASP D 243 -18.89 -20.04 -51.33
N ALA D 244 -17.80 -19.89 -50.59
CA ALA D 244 -17.67 -20.60 -49.32
C ALA D 244 -18.77 -20.18 -48.34
N LYS D 245 -19.18 -21.11 -47.48
CA LYS D 245 -20.21 -20.82 -46.48
C LYS D 245 -19.59 -20.06 -45.32
N TRP D 246 -20.38 -19.22 -44.66
CA TRP D 246 -19.86 -18.44 -43.55
C TRP D 246 -19.53 -19.29 -42.32
N ARG D 247 -18.54 -18.84 -41.54
CA ARG D 247 -18.10 -19.56 -40.36
C ARG D 247 -18.14 -18.68 -39.11
N LYS D 248 -19.34 -18.39 -38.61
CA LYS D 248 -19.46 -17.58 -37.41
C LYS D 248 -18.91 -18.35 -36.23
N ASP D 249 -18.93 -19.67 -36.31
CA ASP D 249 -18.42 -20.52 -35.25
C ASP D 249 -16.92 -20.32 -35.09
N VAL D 250 -16.25 -19.97 -36.18
CA VAL D 250 -14.81 -19.74 -36.13
C VAL D 250 -14.54 -18.47 -35.31
N LEU D 251 -15.41 -17.47 -35.47
CA LEU D 251 -15.23 -16.23 -34.72
C LEU D 251 -15.53 -16.46 -33.24
N ALA D 252 -16.54 -17.29 -32.96
CA ALA D 252 -16.90 -17.60 -31.58
C ALA D 252 -15.72 -18.32 -30.90
N ALA D 253 -15.10 -19.24 -31.63
CA ALA D 253 -13.97 -20.00 -31.10
C ALA D 253 -12.78 -19.11 -30.82
N ALA D 254 -12.51 -18.17 -31.73
CA ALA D 254 -11.40 -17.24 -31.56
C ALA D 254 -11.66 -16.35 -30.34
N ALA D 255 -12.90 -15.89 -30.18
CA ALA D 255 -13.25 -15.04 -29.05
C ALA D 255 -13.05 -15.78 -27.73
N LYS D 256 -13.48 -17.04 -27.69
CA LYS D 256 -13.34 -17.83 -26.47
C LYS D 256 -11.85 -18.00 -26.16
N ILE D 257 -11.07 -18.33 -27.18
CA ILE D 257 -9.64 -18.52 -27.02
C ILE D 257 -8.93 -17.31 -26.40
N VAL D 258 -9.20 -16.12 -26.92
CA VAL D 258 -8.53 -14.91 -26.44
C VAL D 258 -9.13 -14.22 -25.21
N THR D 259 -10.38 -14.54 -24.86
CA THR D 259 -10.99 -13.90 -23.71
C THR D 259 -11.08 -14.79 -22.47
N GLU D 260 -10.88 -16.08 -22.63
CA GLU D 260 -10.95 -17.00 -21.51
C GLU D 260 -10.02 -16.52 -20.41
N GLY D 261 -10.54 -16.41 -19.19
CA GLY D 261 -9.74 -15.95 -18.07
C GLY D 261 -9.60 -14.45 -17.92
N LYS D 262 -10.34 -13.69 -18.74
CA LYS D 262 -10.28 -12.23 -18.65
C LYS D 262 -11.42 -11.67 -17.80
#